data_3E00
#
_entry.id   3E00
#
_cell.length_a   63.585
_cell.length_b   146.775
_cell.length_c   67.230
_cell.angle_alpha   90.000
_cell.angle_beta   115.520
_cell.angle_gamma   90.000
#
_symmetry.space_group_name_H-M   'P 1 21 1'
#
loop_
_entity.id
_entity.type
_entity.pdbx_description
1 polymer 'Retinoic acid receptor RXR-alpha'
2 polymer 'Peroxisome proliferator-activated receptor gamma'
3 polymer "DNA (5'-D(*DCP*DAP*DAP*DAP*DCP*DTP*DAP*DGP*DGP*DTP*DCP*DAP*DAP*DAP*DGP*DGP*DTP*DCP*DAP*DG)-3')"
4 polymer "DNA (5'-D(*DCP*DTP*DGP*DAP*DCP*DCP*DTP*DTP*DTP*DGP*DAP*DCP*DCP*DTP*DAP*DGP*DTP*DTP*DTP*DG)-3')"
5 polymer 'NCOA2 Peptide'
6 non-polymer 'ZINC ION'
7 non-polymer '(9cis)-retinoic acid'
8 non-polymer 2-chloro-5-nitro-N-phenylbenzamide
#
loop_
_entity_poly.entity_id
_entity_poly.type
_entity_poly.pdbx_seq_one_letter_code
_entity_poly.pdbx_strand_id
1 'polypeptide(L)'
;MAHHHHHHVDDDDKMFSTQVNSSLTSPTGRGSMAAPSLHPSLGPGIGSPGQLHSPISTLSSPINGMGPPFSVISSPMGPH
SMSVPTTPTLGFSTGSPQLSSPMNPVSSSEDIKPPLGLNGVLKVPAHPSGNMASFTKHICAICGDRSSGKHYGVYSCEGC
KGFFKRTVRKDLTYTCRDNKDCLIDKRQRNRCQYCRYQKCLAMGMKREAVQEERQRGKDRNENEVESTSSANEDMPVERI
LEAELAVEPKTETYVEANMGLNPSSPNDPVTNICQAADKQLFTLVEWAKRIPHFSELPLDDQVILLRAGWNELLIASFSH
RSIAVKDGILLATGLHVHRNSAHSAGVGAIFDRVLTELVSKMRDMQMDKTELGCLRAIVLFNPDSKGLSNPAEVEALREK
VYASLEAYCKHKYPEQPGRFAKLLLRLPALRSIGLKCLEHLFFFKLIGDTPIDTFLMEMLEAPHQMT
;
A
2 'polypeptide(L)'
;MAHHHHHHVDDDDKMYQSAIKVEPASPPYYSEKTQLYNKPHEEPSNSLMAIECRVCGDKASGFHYGVHACEGCKGFFRRT
IRLKLIYDRCDLNCRIHKKSRNKCQYCRFQKCLAVGMSHNAIRFGRMPQAEKEKLLAEISSDIDQLNPESADLRALAKHL
YDSYIKSFPLTKAKARAILTGKTTDKSPFVIYDMNSLMMGEDKIKFKHITPLQEQSKEVAIRIFQGCQFRSVEAVQEITE
YAKSIPGFVNLDLNDQVTLLKYGVHEIIYTMLASLMNKDGVLISEGQGFMTREFLKSLRKPFGDFMEPKFEFAVKFNALE
LDDSDLAIFIAVIILSGDRPGLLNVKPIEDIQDNLLQALELQLKLNHPESSQLFAKLLQKMTDLRQIVTEHVQLLQVIKK
TETDMSLHPLLQEIYKDLY
;
D
3 'polydeoxyribonucleotide' (DC)(DA)(DA)(DA)(DC)(DT)(DA)(DG)(DG)(DT)(DC)(DA)(DA)(DA)(DG)(DG)(DT)(DC)(DA)(DG) C
4 'polydeoxyribonucleotide' (DC)(DT)(DG)(DA)(DC)(DC)(DT)(DT)(DT)(DG)(DA)(DC)(DC)(DT)(DA)(DG)(DT)(DT)(DT)(DG) F
5 'polypeptide(L)' EKHKILHRLLQDS G,E
#
# COMPACT_ATOMS: atom_id res chain seq x y z
N LYS A 137 18.58 -26.42 -27.96
CA LYS A 137 17.52 -25.93 -28.89
C LYS A 137 17.82 -24.50 -29.36
N HIS A 138 17.86 -23.56 -28.41
CA HIS A 138 18.16 -22.16 -28.70
C HIS A 138 19.35 -21.64 -27.90
N ILE A 139 19.59 -20.34 -28.00
CA ILE A 139 20.68 -19.72 -27.29
C ILE A 139 20.17 -18.72 -26.26
N CYS A 140 20.56 -18.95 -25.01
CA CYS A 140 20.17 -18.08 -23.90
C CYS A 140 20.50 -16.64 -24.27
N ALA A 141 19.48 -15.79 -24.34
CA ALA A 141 19.69 -14.41 -24.70
C ALA A 141 20.33 -13.61 -23.60
N ILE A 142 21.02 -14.29 -22.69
CA ILE A 142 21.67 -13.62 -21.58
C ILE A 142 23.18 -13.82 -21.55
N CYS A 143 23.65 -15.02 -21.87
CA CYS A 143 25.08 -15.28 -21.86
C CYS A 143 25.63 -15.95 -23.14
N GLY A 144 24.74 -16.54 -23.94
CA GLY A 144 25.18 -17.19 -25.16
C GLY A 144 25.20 -18.71 -25.09
N ASP A 145 25.16 -19.24 -23.86
CA ASP A 145 25.17 -20.69 -23.60
C ASP A 145 23.99 -21.38 -24.32
N ARG A 146 23.86 -22.69 -24.17
CA ARG A 146 22.74 -23.39 -24.81
C ARG A 146 21.46 -23.22 -23.98
N SER A 147 20.39 -22.82 -24.64
CA SER A 147 19.11 -22.61 -23.95
C SER A 147 18.43 -23.85 -23.36
N SER A 148 17.95 -24.73 -24.21
CA SER A 148 17.29 -25.94 -23.71
C SER A 148 15.98 -25.57 -23.03
N GLY A 149 15.23 -24.68 -23.66
CA GLY A 149 13.96 -24.30 -23.11
C GLY A 149 13.72 -22.82 -22.92
N LYS A 150 12.49 -22.47 -22.56
CA LYS A 150 12.16 -21.09 -22.30
C LYS A 150 11.92 -21.10 -20.80
N HIS A 151 12.49 -20.14 -20.09
CA HIS A 151 12.30 -20.08 -18.66
C HIS A 151 11.94 -18.66 -18.29
N TYR A 152 10.88 -18.51 -17.49
CA TYR A 152 10.40 -17.22 -17.04
C TYR A 152 10.22 -16.24 -18.20
N GLY A 153 9.64 -16.76 -19.28
CA GLY A 153 9.36 -15.97 -20.48
C GLY A 153 10.53 -15.61 -21.38
N VAL A 154 11.64 -16.33 -21.25
CA VAL A 154 12.85 -16.07 -22.03
C VAL A 154 13.69 -17.32 -22.30
N TYR A 155 14.28 -17.38 -23.49
CA TYR A 155 15.16 -18.48 -23.84
C TYR A 155 16.37 -18.28 -22.94
N SER A 156 16.60 -19.23 -22.06
CA SER A 156 17.71 -19.08 -21.14
C SER A 156 18.38 -20.40 -20.78
N CYS A 157 19.68 -20.33 -20.55
CA CYS A 157 20.42 -21.51 -20.16
C CYS A 157 19.99 -21.93 -18.74
N GLU A 158 20.24 -23.18 -18.38
CA GLU A 158 19.87 -23.65 -17.05
C GLU A 158 20.49 -22.80 -15.96
N GLY A 159 21.76 -22.42 -16.15
CA GLY A 159 22.42 -21.62 -15.14
C GLY A 159 21.68 -20.33 -14.84
N CYS A 160 21.45 -19.53 -15.88
CA CYS A 160 20.77 -18.27 -15.72
C CYS A 160 19.39 -18.50 -15.13
N LYS A 161 18.69 -19.50 -15.64
CA LYS A 161 17.36 -19.81 -15.13
C LYS A 161 17.41 -19.92 -13.59
N GLY A 162 18.40 -20.67 -13.08
CA GLY A 162 18.53 -20.87 -11.66
C GLY A 162 19.04 -19.67 -10.91
N PHE A 163 19.80 -18.83 -11.59
CA PHE A 163 20.32 -17.63 -10.97
C PHE A 163 19.10 -16.79 -10.63
N PHE A 164 18.39 -16.40 -11.68
CA PHE A 164 17.18 -15.60 -11.58
C PHE A 164 16.24 -16.15 -10.50
N LYS A 165 15.84 -17.41 -10.63
CA LYS A 165 14.94 -18.04 -9.66
C LYS A 165 15.31 -17.77 -8.21
N ARG A 166 16.59 -17.98 -7.87
CA ARG A 166 17.05 -17.76 -6.50
C ARG A 166 17.04 -16.29 -6.15
N THR A 167 17.52 -15.46 -7.07
CA THR A 167 17.55 -14.04 -6.78
C THR A 167 16.15 -13.59 -6.35
N VAL A 168 15.14 -14.03 -7.10
CA VAL A 168 13.76 -13.67 -6.83
C VAL A 168 13.23 -14.20 -5.51
N ARG A 169 13.47 -15.47 -5.22
CA ARG A 169 12.97 -16.08 -3.97
C ARG A 169 13.66 -15.59 -2.72
N LYS A 170 14.98 -15.69 -2.67
CA LYS A 170 15.74 -15.25 -1.51
C LYS A 170 15.81 -13.73 -1.39
N ASP A 171 15.03 -13.01 -2.20
CA ASP A 171 15.00 -11.55 -2.16
C ASP A 171 16.40 -11.00 -1.92
N LEU A 172 17.27 -11.16 -2.92
CA LEU A 172 18.64 -10.68 -2.81
C LEU A 172 18.82 -9.35 -3.50
N THR A 173 19.69 -8.51 -2.96
CA THR A 173 19.97 -7.23 -3.56
C THR A 173 21.46 -7.14 -3.86
N TYR A 174 21.81 -7.42 -5.10
CA TYR A 174 23.20 -7.40 -5.59
C TYR A 174 23.73 -5.99 -5.83
N THR A 175 25.05 -5.86 -5.88
CA THR A 175 25.61 -4.55 -6.14
C THR A 175 26.82 -4.66 -7.02
N CYS A 176 26.90 -3.79 -8.02
CA CYS A 176 28.03 -3.81 -8.91
C CYS A 176 29.23 -3.07 -8.29
N ARG A 177 30.39 -3.73 -8.27
CA ARG A 177 31.60 -3.14 -7.71
C ARG A 177 32.27 -2.29 -8.76
N ASP A 178 31.92 -2.54 -10.01
CA ASP A 178 32.47 -1.80 -11.15
C ASP A 178 31.51 -0.75 -11.70
N ASN A 179 31.38 -0.67 -13.01
CA ASN A 179 30.52 0.33 -13.61
C ASN A 179 29.14 -0.10 -14.10
N LYS A 180 28.62 -1.22 -13.60
CA LYS A 180 27.30 -1.73 -14.02
C LYS A 180 27.38 -1.92 -15.53
N ASP A 181 28.59 -2.21 -16.00
CA ASP A 181 28.88 -2.35 -17.41
C ASP A 181 29.58 -3.66 -17.69
N CYS A 182 29.40 -4.62 -16.79
CA CYS A 182 30.02 -5.94 -16.89
C CYS A 182 29.44 -6.85 -17.98
N LEU A 183 30.31 -7.42 -18.80
CA LEU A 183 29.84 -8.31 -19.85
C LEU A 183 29.42 -9.64 -19.24
N ILE A 184 28.51 -10.33 -19.90
CA ILE A 184 28.06 -11.60 -19.40
C ILE A 184 28.18 -12.67 -20.48
N ASP A 185 29.21 -13.49 -20.34
CA ASP A 185 29.49 -14.57 -21.29
C ASP A 185 29.22 -15.92 -20.63
N LYS A 186 29.29 -17.00 -21.43
CA LYS A 186 29.08 -18.35 -20.90
C LYS A 186 30.08 -18.52 -19.76
N ARG A 187 31.19 -17.77 -19.86
CA ARG A 187 32.22 -17.77 -18.83
C ARG A 187 32.20 -16.33 -18.32
N GLN A 188 32.53 -16.15 -17.05
CA GLN A 188 32.55 -14.81 -16.43
C GLN A 188 31.18 -14.10 -16.35
N ARG A 189 30.12 -14.90 -16.23
CA ARG A 189 28.78 -14.36 -16.07
C ARG A 189 28.59 -14.42 -14.56
N ASN A 190 29.23 -15.41 -13.95
CA ASN A 190 29.18 -15.57 -12.51
C ASN A 190 30.09 -14.51 -11.88
N ARG A 191 30.72 -13.71 -12.74
CA ARG A 191 31.65 -12.65 -12.30
C ARG A 191 30.97 -11.63 -11.39
N CYS A 192 29.85 -11.08 -11.83
CA CYS A 192 29.09 -10.10 -11.06
C CYS A 192 27.58 -10.37 -11.19
N GLN A 193 26.93 -10.56 -10.05
CA GLN A 193 25.50 -10.87 -10.00
C GLN A 193 24.59 -9.73 -10.41
N TYR A 194 24.93 -8.52 -10.01
CA TYR A 194 24.11 -7.38 -10.33
C TYR A 194 23.92 -7.23 -11.83
N CYS A 195 25.03 -7.21 -12.57
CA CYS A 195 24.93 -7.04 -14.01
C CYS A 195 24.22 -8.20 -14.68
N ARG A 196 24.45 -9.40 -14.15
CA ARG A 196 23.81 -10.60 -14.67
C ARG A 196 22.30 -10.55 -14.52
N TYR A 197 21.83 -10.24 -13.31
CA TYR A 197 20.39 -10.17 -13.05
C TYR A 197 19.75 -9.09 -13.92
N GLN A 198 20.36 -7.92 -13.99
CA GLN A 198 19.81 -6.84 -14.79
C GLN A 198 19.73 -7.25 -16.26
N LYS A 199 20.68 -8.08 -16.69
CA LYS A 199 20.74 -8.58 -18.05
C LYS A 199 19.49 -9.45 -18.26
N CYS A 200 19.03 -10.07 -17.18
CA CYS A 200 17.85 -10.92 -17.21
C CYS A 200 16.63 -10.05 -17.46
N LEU A 201 16.49 -9.01 -16.64
CA LEU A 201 15.38 -8.06 -16.74
C LEU A 201 15.28 -7.49 -18.14
N ALA A 202 16.43 -7.05 -18.66
CA ALA A 202 16.54 -6.47 -19.99
C ALA A 202 16.08 -7.45 -21.03
N MET A 203 16.56 -8.68 -20.91
CA MET A 203 16.19 -9.70 -21.87
C MET A 203 14.77 -10.15 -21.60
N GLY A 204 14.06 -9.39 -20.76
CA GLY A 204 12.67 -9.66 -20.44
C GLY A 204 12.29 -10.78 -19.50
N MET A 205 13.19 -11.14 -18.59
CA MET A 205 12.90 -12.22 -17.66
C MET A 205 11.90 -11.71 -16.60
N LYS A 206 10.74 -12.35 -16.57
CA LYS A 206 9.66 -11.98 -15.66
C LYS A 206 9.80 -12.56 -14.26
N ARG A 207 9.73 -11.68 -13.28
CA ARG A 207 9.85 -12.06 -11.88
C ARG A 207 8.59 -12.74 -11.31
N GLU A 208 7.42 -12.18 -11.62
CA GLU A 208 6.17 -12.72 -11.11
C GLU A 208 5.98 -14.11 -11.64
N ALA A 209 6.81 -14.45 -12.61
CA ALA A 209 6.76 -15.75 -13.25
C ALA A 209 7.27 -16.78 -12.28
N VAL A 210 8.24 -16.38 -11.45
CA VAL A 210 8.79 -17.30 -10.44
C VAL A 210 7.72 -17.61 -9.42
N GLN A 211 7.33 -18.87 -9.33
CA GLN A 211 6.31 -19.26 -8.38
C GLN A 211 6.93 -19.22 -7.01
N GLU A 212 6.11 -19.50 -6.02
CA GLU A 212 6.53 -19.46 -4.65
C GLU A 212 6.91 -20.79 -4.08
N GLU A 213 8.18 -20.89 -3.70
CA GLU A 213 8.76 -22.09 -3.09
C GLU A 213 7.74 -23.00 -2.42
N ARG A 214 7.73 -24.27 -2.82
CA ARG A 214 6.80 -25.24 -2.27
C ARG A 214 7.36 -25.78 -0.96
N GLN A 215 6.83 -25.29 0.16
CA GLN A 215 7.26 -25.70 1.50
C GLN A 215 6.20 -25.54 2.57
N ARG A 216 6.45 -26.16 3.72
CA ARG A 216 5.53 -26.13 4.85
C ARG A 216 4.20 -26.81 4.55
N ALA A 231 -6.63 -14.10 26.47
CA ALA A 231 -7.59 -14.07 25.37
C ALA A 231 -6.97 -13.41 24.13
N ASN A 232 -7.45 -12.21 23.83
CA ASN A 232 -6.97 -11.45 22.68
C ASN A 232 -6.28 -10.21 23.21
N GLU A 233 -5.62 -10.35 24.35
CA GLU A 233 -4.92 -9.23 24.96
C GLU A 233 -3.42 -9.44 25.10
N ASP A 234 -2.75 -9.68 23.97
CA ASP A 234 -1.30 -9.84 23.99
C ASP A 234 -0.80 -8.41 24.10
N MET A 235 -1.69 -7.47 23.78
CA MET A 235 -1.45 -6.04 23.82
C MET A 235 -2.64 -5.43 24.55
N PRO A 236 -2.69 -5.61 25.87
CA PRO A 236 -3.73 -5.13 26.78
C PRO A 236 -3.99 -3.63 26.71
N VAL A 237 -5.24 -3.27 26.58
CA VAL A 237 -5.65 -1.88 26.47
C VAL A 237 -5.37 -1.09 27.74
N GLU A 238 -5.20 -1.80 28.84
CA GLU A 238 -4.94 -1.14 30.12
C GLU A 238 -3.54 -0.56 30.19
N ARG A 239 -2.52 -1.41 30.07
CA ARG A 239 -1.14 -0.93 30.12
C ARG A 239 -1.05 0.33 29.27
N ILE A 240 -1.64 0.28 28.08
CA ILE A 240 -1.64 1.43 27.19
C ILE A 240 -2.27 2.62 27.93
N LEU A 241 -3.58 2.57 28.19
CA LEU A 241 -4.26 3.69 28.88
C LEU A 241 -3.47 4.18 30.08
N GLU A 242 -3.08 3.24 30.94
CA GLU A 242 -2.31 3.57 32.11
C GLU A 242 -1.03 4.31 31.71
N ALA A 243 -0.48 3.96 30.55
CA ALA A 243 0.75 4.59 30.06
C ALA A 243 0.46 5.97 29.53
N GLU A 244 -0.66 6.11 28.84
CA GLU A 244 -1.05 7.40 28.28
C GLU A 244 -1.51 8.31 29.40
N LEU A 245 -1.32 7.88 30.64
CA LEU A 245 -1.75 8.64 31.81
C LEU A 245 -0.55 9.17 32.59
N ALA A 246 0.33 8.26 33.00
CA ALA A 246 1.19 8.49 34.16
C ALA A 246 2.29 9.50 33.82
N VAL A 247 2.15 10.18 32.68
CA VAL A 247 3.28 10.85 32.05
C VAL A 247 2.87 12.23 31.53
N GLU A 248 2.15 12.97 32.35
CA GLU A 248 1.54 14.22 31.91
C GLU A 248 1.48 15.24 33.06
N VAL A 270 6.81 29.94 19.25
CA VAL A 270 7.62 29.00 18.47
C VAL A 270 8.78 28.48 19.29
N THR A 271 9.47 29.38 19.97
CA THR A 271 10.58 28.96 20.80
C THR A 271 9.96 28.34 22.04
N ASN A 272 8.72 28.72 22.31
CA ASN A 272 7.97 28.23 23.46
C ASN A 272 7.49 26.80 23.25
N ILE A 273 7.32 26.42 22.00
CA ILE A 273 6.86 25.07 21.67
C ILE A 273 8.02 24.08 21.72
N CYS A 274 9.22 24.53 21.35
CA CYS A 274 10.41 23.68 21.35
C CYS A 274 10.90 23.37 22.76
N GLN A 275 10.36 24.06 23.75
CA GLN A 275 10.74 23.83 25.15
C GLN A 275 9.87 22.67 25.63
N ALA A 276 8.59 22.74 25.29
CA ALA A 276 7.62 21.72 25.66
C ALA A 276 7.93 20.46 24.85
N ALA A 277 8.36 20.67 23.61
CA ALA A 277 8.71 19.58 22.72
C ALA A 277 9.80 18.78 23.43
N ASP A 278 10.96 19.42 23.60
CA ASP A 278 12.11 18.82 24.25
C ASP A 278 11.76 18.18 25.59
N LYS A 279 11.03 18.92 26.41
CA LYS A 279 10.61 18.41 27.72
C LYS A 279 9.85 17.09 27.53
N GLN A 280 8.79 17.14 26.73
CA GLN A 280 7.96 15.97 26.43
C GLN A 280 8.72 14.82 25.78
N LEU A 281 9.93 15.08 25.30
CA LEU A 281 10.75 14.05 24.68
C LEU A 281 11.28 13.09 25.75
N PHE A 282 11.80 13.65 26.84
CA PHE A 282 12.32 12.83 27.93
C PHE A 282 11.21 11.92 28.48
N THR A 283 10.00 12.47 28.58
CA THR A 283 8.84 11.74 29.10
C THR A 283 8.26 10.75 28.09
N LEU A 284 8.65 10.88 26.83
CA LEU A 284 8.14 9.98 25.80
C LEU A 284 8.81 8.61 25.95
N VAL A 285 10.06 8.62 26.40
CA VAL A 285 10.82 7.39 26.61
C VAL A 285 10.14 6.60 27.73
N GLU A 286 9.48 7.34 28.61
CA GLU A 286 8.76 6.76 29.74
C GLU A 286 7.50 6.09 29.22
N TRP A 287 6.69 6.86 28.49
CA TRP A 287 5.46 6.34 27.90
C TRP A 287 5.79 5.05 27.14
N ALA A 288 6.73 5.16 26.21
CA ALA A 288 7.19 4.05 25.39
C ALA A 288 7.57 2.83 26.23
N LYS A 289 8.26 3.04 27.35
CA LYS A 289 8.67 1.93 28.22
C LYS A 289 7.44 1.16 28.70
N ARG A 290 6.39 1.89 29.07
CA ARG A 290 5.15 1.29 29.59
C ARG A 290 4.29 0.57 28.56
N ILE A 291 4.48 0.89 27.29
CA ILE A 291 3.69 0.24 26.25
C ILE A 291 4.21 -1.17 26.08
N PRO A 292 3.35 -2.16 26.34
CA PRO A 292 3.66 -3.59 26.26
C PRO A 292 4.67 -3.98 25.19
N HIS A 293 5.56 -4.89 25.56
CA HIS A 293 6.58 -5.43 24.66
C HIS A 293 7.53 -4.45 24.00
N PHE A 294 7.36 -3.16 24.26
CA PHE A 294 8.27 -2.22 23.63
C PHE A 294 9.69 -2.38 24.15
N SER A 295 9.89 -2.17 25.44
CA SER A 295 11.23 -2.30 26.00
C SER A 295 11.71 -3.76 25.91
N GLU A 296 10.83 -4.64 25.45
CA GLU A 296 11.13 -6.06 25.34
C GLU A 296 11.85 -6.45 24.06
N LEU A 297 11.96 -5.50 23.13
CA LEU A 297 12.62 -5.75 21.86
C LEU A 297 13.83 -4.83 21.68
N PRO A 298 14.76 -5.24 20.83
CA PRO A 298 16.16 -4.83 20.95
C PRO A 298 16.29 -3.33 21.17
N LEU A 299 17.33 -2.91 21.89
CA LEU A 299 17.55 -1.51 22.19
C LEU A 299 17.68 -0.68 20.92
N ASP A 300 18.32 -1.25 19.90
CA ASP A 300 18.53 -0.57 18.60
C ASP A 300 17.22 -0.15 17.94
N ASP A 301 16.22 -1.03 18.04
CA ASP A 301 14.91 -0.80 17.48
C ASP A 301 14.16 0.20 18.35
N GLN A 302 14.42 0.16 19.65
CA GLN A 302 13.79 1.07 20.59
C GLN A 302 14.22 2.49 20.22
N VAL A 303 15.46 2.60 19.78
CA VAL A 303 15.99 3.89 19.37
C VAL A 303 15.28 4.26 18.08
N ILE A 304 15.54 3.49 17.03
CA ILE A 304 14.94 3.67 15.72
C ILE A 304 13.44 4.05 15.79
N LEU A 305 12.63 3.20 16.42
CA LEU A 305 11.20 3.44 16.57
C LEU A 305 10.88 4.82 17.16
N LEU A 306 11.68 5.24 18.13
CA LEU A 306 11.45 6.53 18.76
C LEU A 306 12.04 7.65 17.92
N ARG A 307 13.06 7.33 17.13
CA ARG A 307 13.68 8.33 16.28
C ARG A 307 12.71 8.64 15.17
N ALA A 308 12.26 7.58 14.52
CA ALA A 308 11.34 7.69 13.41
C ALA A 308 10.02 8.40 13.71
N GLY A 309 9.50 8.23 14.93
CA GLY A 309 8.22 8.85 15.23
C GLY A 309 8.00 9.74 16.43
N TRP A 310 9.04 10.41 16.93
CA TRP A 310 8.86 11.28 18.08
C TRP A 310 7.93 12.45 17.76
N ASN A 311 8.19 13.16 16.65
CA ASN A 311 7.36 14.30 16.29
C ASN A 311 5.90 13.91 16.12
N GLU A 312 5.64 12.80 15.43
CA GLU A 312 4.25 12.43 15.25
C GLU A 312 3.62 12.09 16.59
N LEU A 313 4.33 11.33 17.42
CA LEU A 313 3.78 10.99 18.72
C LEU A 313 3.42 12.27 19.48
N LEU A 314 4.45 13.03 19.84
CA LEU A 314 4.29 14.29 20.57
C LEU A 314 3.15 15.21 20.09
N ILE A 315 2.99 15.33 18.77
CA ILE A 315 1.94 16.16 18.21
C ILE A 315 0.59 15.55 18.49
N ALA A 316 0.51 14.24 18.35
CA ALA A 316 -0.75 13.54 18.57
C ALA A 316 -1.27 13.68 19.97
N SER A 317 -0.38 13.93 20.93
CA SER A 317 -0.78 14.07 22.34
C SER A 317 -1.17 15.48 22.76
N PHE A 318 -0.37 16.48 22.41
CA PHE A 318 -0.72 17.85 22.79
C PHE A 318 -1.96 18.27 22.03
N SER A 319 -2.13 17.70 20.84
CA SER A 319 -3.28 18.00 20.00
C SER A 319 -4.54 17.50 20.68
N HIS A 320 -4.43 16.40 21.41
CA HIS A 320 -5.57 15.83 22.11
C HIS A 320 -5.82 16.69 23.32
N ARG A 321 -4.75 17.18 23.92
CA ARG A 321 -4.86 18.01 25.12
C ARG A 321 -5.61 19.29 24.76
N SER A 322 -5.19 19.92 23.68
CA SER A 322 -5.82 21.16 23.25
C SER A 322 -7.22 20.87 22.74
N ILE A 323 -7.79 19.74 23.13
CA ILE A 323 -9.12 19.35 22.70
C ILE A 323 -10.22 20.19 23.29
N ALA A 324 -10.22 20.33 24.60
CA ALA A 324 -11.24 21.11 25.31
C ALA A 324 -10.94 22.59 25.14
N VAL A 325 -9.68 22.89 24.87
CA VAL A 325 -9.22 24.26 24.68
C VAL A 325 -9.64 24.83 23.33
N LYS A 326 -9.93 26.13 23.30
CA LYS A 326 -10.36 26.80 22.08
C LYS A 326 -9.25 27.38 21.21
N ASP A 327 -9.52 27.41 19.90
CA ASP A 327 -8.64 27.93 18.86
C ASP A 327 -7.15 28.15 19.21
N GLY A 328 -6.59 27.19 19.95
CA GLY A 328 -5.21 27.28 20.36
C GLY A 328 -4.84 26.02 21.10
N ILE A 329 -3.55 25.78 21.26
CA ILE A 329 -3.11 24.58 21.97
C ILE A 329 -2.59 24.89 23.36
N LEU A 330 -2.50 23.84 24.18
CA LEU A 330 -2.00 23.98 25.55
C LEU A 330 -0.68 23.20 25.62
N LEU A 331 0.45 23.90 25.60
CA LEU A 331 1.75 23.22 25.65
C LEU A 331 1.85 22.45 26.96
N ALA A 332 2.54 21.30 26.94
CA ALA A 332 2.68 20.50 28.16
C ALA A 332 3.58 21.18 29.18
N THR A 333 3.31 22.47 29.41
CA THR A 333 4.05 23.27 30.37
C THR A 333 3.15 24.44 30.78
N GLY A 334 2.00 24.54 30.13
CA GLY A 334 1.03 25.58 30.44
C GLY A 334 1.07 26.86 29.66
N LEU A 335 1.17 26.79 28.34
CA LEU A 335 1.22 28.01 27.55
C LEU A 335 0.20 28.08 26.41
N HIS A 336 -1.03 28.45 26.71
CA HIS A 336 -2.06 28.57 25.68
C HIS A 336 -1.52 29.36 24.48
N VAL A 337 -1.27 28.67 23.38
CA VAL A 337 -0.77 29.34 22.18
C VAL A 337 -1.92 29.56 21.20
N HIS A 338 -2.74 30.57 21.51
CA HIS A 338 -3.88 30.93 20.68
C HIS A 338 -3.43 31.08 19.22
N ARG A 339 -4.33 30.74 18.29
CA ARG A 339 -4.04 30.84 16.87
C ARG A 339 -3.21 32.08 16.52
N ASN A 340 -3.89 33.22 16.41
CA ASN A 340 -3.28 34.51 16.09
C ASN A 340 -1.80 34.56 16.34
N SER A 341 -1.44 34.43 17.62
CA SER A 341 -0.06 34.45 18.06
C SER A 341 0.83 33.79 16.99
N ALA A 342 0.33 32.71 16.39
CA ALA A 342 1.05 31.96 15.38
C ALA A 342 0.99 32.50 13.95
N HIS A 343 -0.22 32.68 13.42
CA HIS A 343 -0.37 33.19 12.05
C HIS A 343 0.59 34.33 11.78
N SER A 344 1.01 35.00 12.84
CA SER A 344 1.93 36.13 12.77
C SER A 344 3.34 35.67 13.11
N ALA A 345 3.44 34.76 14.07
CA ALA A 345 4.74 34.21 14.48
C ALA A 345 5.43 33.58 13.28
N GLY A 346 4.75 33.59 12.14
CA GLY A 346 5.30 33.02 10.93
C GLY A 346 4.77 31.62 10.65
N VAL A 347 4.52 30.87 11.71
CA VAL A 347 4.04 29.51 11.58
C VAL A 347 2.54 29.38 11.85
N GLY A 348 1.75 30.01 11.00
CA GLY A 348 0.31 29.94 11.16
C GLY A 348 -0.25 29.01 10.10
N ALA A 349 0.57 28.75 9.08
CA ALA A 349 0.19 27.89 7.99
C ALA A 349 -0.11 26.51 8.52
N ILE A 350 0.77 26.01 9.38
CA ILE A 350 0.61 24.70 9.97
C ILE A 350 -0.24 24.69 11.24
N PHE A 351 -0.09 25.73 12.07
CA PHE A 351 -0.84 25.81 13.32
C PHE A 351 -2.34 25.73 13.09
N ASP A 352 -2.76 26.02 11.86
CA ASP A 352 -4.18 25.98 11.54
C ASP A 352 -4.55 24.52 11.27
N ARG A 353 -3.72 23.84 10.49
CA ARG A 353 -3.95 22.44 10.16
C ARG A 353 -3.97 21.55 11.40
N VAL A 354 -3.08 21.83 12.34
CA VAL A 354 -3.01 21.05 13.57
C VAL A 354 -4.32 21.15 14.33
N LEU A 355 -4.91 22.34 14.36
CA LEU A 355 -6.17 22.57 15.05
C LEU A 355 -7.36 21.87 14.38
N THR A 356 -7.53 22.13 13.09
CA THR A 356 -8.63 21.55 12.31
C THR A 356 -8.53 20.09 11.83
N GLU A 357 -7.32 19.60 11.56
CA GLU A 357 -7.18 18.23 11.08
C GLU A 357 -6.89 17.22 12.20
N LEU A 358 -6.67 17.73 13.41
CA LEU A 358 -6.35 16.89 14.56
C LEU A 358 -7.24 17.21 15.75
N VAL A 359 -7.06 18.41 16.30
CA VAL A 359 -7.82 18.86 17.45
C VAL A 359 -9.32 18.72 17.22
N SER A 360 -9.85 19.52 16.30
CA SER A 360 -11.26 19.48 15.98
C SER A 360 -11.71 18.04 15.80
N LYS A 361 -11.26 17.42 14.72
CA LYS A 361 -11.58 16.03 14.39
C LYS A 361 -11.67 15.14 15.62
N MET A 362 -10.72 15.29 16.55
CA MET A 362 -10.69 14.50 17.78
C MET A 362 -11.78 14.89 18.74
N ARG A 363 -12.00 16.20 18.83
CA ARG A 363 -13.02 16.74 19.72
C ARG A 363 -14.40 16.38 19.22
N ASP A 364 -14.66 16.63 17.94
CA ASP A 364 -15.95 16.33 17.35
C ASP A 364 -16.23 14.84 17.37
N MET A 365 -15.22 14.06 17.79
CA MET A 365 -15.33 12.61 17.86
C MET A 365 -15.24 12.11 19.30
N GLN A 366 -14.89 13.01 20.22
CA GLN A 366 -14.75 12.66 21.62
C GLN A 366 -13.84 11.46 21.75
N MET A 367 -12.62 11.61 21.26
CA MET A 367 -11.64 10.53 21.30
C MET A 367 -11.14 10.36 22.72
N ASP A 368 -11.52 9.26 23.37
CA ASP A 368 -11.08 9.04 24.74
C ASP A 368 -9.58 8.90 24.71
N LYS A 369 -8.94 8.90 25.88
CA LYS A 369 -7.48 8.79 25.92
C LYS A 369 -6.95 7.37 26.00
N THR A 370 -7.83 6.40 25.75
CA THR A 370 -7.41 5.01 25.73
C THR A 370 -7.17 4.76 24.25
N GLU A 371 -8.04 5.37 23.45
CA GLU A 371 -7.98 5.28 21.99
C GLU A 371 -6.72 6.02 21.53
N LEU A 372 -6.58 7.28 21.90
CA LEU A 372 -5.40 8.05 21.54
C LEU A 372 -4.12 7.33 21.93
N GLY A 373 -4.19 6.52 22.98
CA GLY A 373 -3.01 5.79 23.39
C GLY A 373 -2.69 4.70 22.39
N CYS A 374 -3.74 4.02 21.92
CA CYS A 374 -3.59 2.95 20.95
C CYS A 374 -3.10 3.50 19.63
N LEU A 375 -3.56 4.70 19.29
CA LEU A 375 -3.12 5.33 18.06
C LEU A 375 -1.66 5.69 18.17
N ARG A 376 -1.26 6.23 19.32
CA ARG A 376 0.13 6.58 19.52
C ARG A 376 0.97 5.31 19.46
N ALA A 377 0.43 4.21 19.97
CA ALA A 377 1.12 2.93 19.96
C ALA A 377 1.31 2.47 18.51
N ILE A 378 0.24 2.57 17.71
CA ILE A 378 0.29 2.19 16.31
C ILE A 378 1.38 2.99 15.63
N VAL A 379 1.48 4.27 15.96
CA VAL A 379 2.52 5.09 15.37
C VAL A 379 3.86 4.59 15.88
N LEU A 380 3.92 4.21 17.14
CA LEU A 380 5.18 3.73 17.71
C LEU A 380 5.69 2.48 17.01
N PHE A 381 4.87 1.45 16.93
CA PHE A 381 5.25 0.19 16.29
C PHE A 381 5.18 0.28 14.77
N ASN A 382 6.11 1.05 14.23
CA ASN A 382 6.23 1.29 12.80
C ASN A 382 7.32 0.40 12.21
N PRO A 383 6.91 -0.68 11.56
CA PRO A 383 7.77 -1.67 10.92
C PRO A 383 8.56 -1.18 9.71
N ASP A 384 8.19 -0.04 9.17
CA ASP A 384 8.92 0.44 8.03
C ASP A 384 10.18 1.16 8.48
N SER A 385 10.08 1.90 9.59
CA SER A 385 11.21 2.65 10.15
C SER A 385 12.52 1.95 9.78
N LYS A 386 13.26 2.59 8.89
CA LYS A 386 14.51 2.08 8.35
C LYS A 386 15.57 1.62 9.38
N GLY A 387 16.01 0.37 9.23
CA GLY A 387 17.01 -0.18 10.12
C GLY A 387 16.54 -1.15 11.20
N LEU A 388 15.24 -1.33 11.35
CA LEU A 388 14.74 -2.25 12.36
C LEU A 388 15.34 -3.64 12.19
N SER A 389 16.20 -4.02 13.12
CA SER A 389 16.82 -5.34 13.11
C SER A 389 15.83 -6.35 12.56
N ASN A 390 14.76 -6.59 13.31
CA ASN A 390 13.72 -7.52 12.86
C ASN A 390 12.40 -6.77 12.75
N PRO A 391 12.12 -6.21 11.57
CA PRO A 391 10.88 -5.46 11.31
C PRO A 391 9.63 -6.32 11.35
N ALA A 392 9.79 -7.62 11.09
CA ALA A 392 8.66 -8.56 11.11
C ALA A 392 8.08 -8.53 12.52
N GLU A 393 8.96 -8.37 13.49
CA GLU A 393 8.63 -8.30 14.91
C GLU A 393 7.71 -7.09 15.12
N VAL A 394 8.21 -5.92 14.73
CA VAL A 394 7.47 -4.67 14.85
C VAL A 394 6.13 -4.69 14.10
N GLU A 395 6.12 -5.14 12.85
CA GLU A 395 4.87 -5.14 12.12
C GLU A 395 3.85 -5.99 12.85
N ALA A 396 4.30 -6.77 13.82
CA ALA A 396 3.42 -7.63 14.61
C ALA A 396 2.82 -6.92 15.81
N LEU A 397 3.66 -6.40 16.71
CA LEU A 397 3.15 -5.70 17.87
C LEU A 397 2.14 -4.68 17.37
N ARG A 398 2.37 -4.14 16.18
CA ARG A 398 1.43 -3.18 15.63
C ARG A 398 0.09 -3.87 15.33
N GLU A 399 0.13 -4.99 14.62
CA GLU A 399 -1.11 -5.69 14.32
C GLU A 399 -1.82 -6.08 15.61
N LYS A 400 -1.05 -6.29 16.68
CA LYS A 400 -1.62 -6.63 17.98
C LYS A 400 -2.51 -5.48 18.43
N VAL A 401 -1.95 -4.26 18.44
CA VAL A 401 -2.71 -3.09 18.82
C VAL A 401 -3.91 -2.94 17.91
N TYR A 402 -3.80 -3.42 16.67
CA TYR A 402 -4.90 -3.33 15.72
C TYR A 402 -6.00 -4.17 16.31
N ALA A 403 -5.73 -5.45 16.48
CA ALA A 403 -6.69 -6.39 17.05
C ALA A 403 -7.31 -5.86 18.34
N SER A 404 -6.44 -5.54 19.31
CA SER A 404 -6.86 -5.03 20.60
C SER A 404 -7.83 -3.83 20.51
N LEU A 405 -7.35 -2.69 20.01
CA LEU A 405 -8.18 -1.48 19.85
C LEU A 405 -9.48 -1.75 19.09
N GLU A 406 -9.43 -2.61 18.09
CA GLU A 406 -10.64 -2.88 17.32
C GLU A 406 -11.69 -3.38 18.27
N ALA A 407 -11.33 -4.40 19.05
CA ALA A 407 -12.27 -4.99 19.99
C ALA A 407 -12.74 -3.95 20.99
N TYR A 408 -11.80 -3.19 21.54
CA TYR A 408 -12.12 -2.16 22.50
C TYR A 408 -13.27 -1.28 22.01
N CYS A 409 -13.13 -0.72 20.81
CA CYS A 409 -14.15 0.15 20.25
C CYS A 409 -15.44 -0.64 20.19
N LYS A 410 -15.30 -1.95 20.12
CA LYS A 410 -16.45 -2.87 20.03
C LYS A 410 -17.22 -2.99 21.34
N HIS A 411 -16.46 -2.93 22.43
CA HIS A 411 -17.00 -3.03 23.77
C HIS A 411 -17.55 -1.71 24.28
N LYS A 412 -16.67 -0.71 24.41
CA LYS A 412 -17.10 0.59 24.91
C LYS A 412 -17.85 1.47 23.94
N TYR A 413 -18.00 1.04 22.68
CA TYR A 413 -18.68 1.87 21.70
C TYR A 413 -19.56 1.12 20.70
N PRO A 414 -20.46 0.28 21.18
CA PRO A 414 -21.36 -0.50 20.32
C PRO A 414 -22.22 0.30 19.32
N GLU A 415 -22.63 1.49 19.69
CA GLU A 415 -23.45 2.30 18.81
C GLU A 415 -22.72 2.65 17.52
N GLN A 416 -21.43 2.98 17.64
CA GLN A 416 -20.60 3.37 16.50
C GLN A 416 -19.72 2.25 15.99
N PRO A 417 -20.15 1.58 14.91
CA PRO A 417 -19.40 0.48 14.32
C PRO A 417 -18.17 1.02 13.61
N GLY A 418 -18.41 2.02 12.77
CA GLY A 418 -17.32 2.61 12.01
C GLY A 418 -16.41 3.50 12.81
N ARG A 419 -16.26 3.21 14.10
CA ARG A 419 -15.41 4.01 14.93
C ARG A 419 -13.96 3.61 14.72
N PHE A 420 -13.68 2.31 14.85
CA PHE A 420 -12.31 1.82 14.67
C PHE A 420 -11.70 2.39 13.39
N ALA A 421 -12.50 2.42 12.33
CA ALA A 421 -12.05 2.96 11.06
C ALA A 421 -11.73 4.46 11.17
N LYS A 422 -12.71 5.25 11.63
CA LYS A 422 -12.57 6.70 11.76
C LYS A 422 -11.40 7.09 12.67
N LEU A 423 -10.96 6.17 13.52
CA LEU A 423 -9.85 6.44 14.42
C LEU A 423 -8.52 6.23 13.69
N LEU A 424 -8.43 5.12 12.97
CA LEU A 424 -7.24 4.81 12.20
C LEU A 424 -7.06 5.86 11.09
N LEU A 425 -8.18 6.42 10.65
CA LEU A 425 -8.19 7.45 9.61
C LEU A 425 -7.87 8.84 10.15
N ARG A 426 -7.43 8.92 11.40
CA ARG A 426 -7.05 10.20 12.00
C ARG A 426 -5.54 10.28 11.85
N LEU A 427 -4.96 9.15 11.46
CA LEU A 427 -3.52 8.94 11.27
C LEU A 427 -2.85 9.56 10.03
N PRO A 428 -3.52 9.52 8.87
CA PRO A 428 -2.91 10.11 7.68
C PRO A 428 -2.47 11.54 7.96
N ALA A 429 -3.45 12.35 8.36
CA ALA A 429 -3.21 13.75 8.68
C ALA A 429 -2.12 13.88 9.71
N LEU A 430 -2.10 12.97 10.67
CA LEU A 430 -1.09 13.05 11.70
C LEU A 430 0.27 12.99 11.03
N ARG A 431 0.39 12.21 9.96
CA ARG A 431 1.70 12.11 9.29
C ARG A 431 1.93 13.23 8.29
N SER A 432 0.87 13.66 7.58
CA SER A 432 1.02 14.76 6.65
C SER A 432 1.58 15.90 7.48
N ILE A 433 0.77 16.38 8.42
CA ILE A 433 1.16 17.44 9.35
C ILE A 433 2.55 17.19 9.95
N GLY A 434 2.72 16.03 10.55
CA GLY A 434 4.00 15.70 11.16
C GLY A 434 5.19 16.01 10.27
N LEU A 435 5.09 15.60 9.01
CA LEU A 435 6.17 15.84 8.05
C LEU A 435 6.42 17.34 7.85
N LYS A 436 5.35 18.12 7.76
CA LYS A 436 5.48 19.55 7.57
C LYS A 436 6.21 20.17 8.75
N CYS A 437 5.86 19.77 9.96
CA CYS A 437 6.53 20.29 11.14
C CYS A 437 8.02 20.07 11.02
N LEU A 438 8.44 18.81 10.94
CA LEU A 438 9.86 18.50 10.82
C LEU A 438 10.49 19.39 9.73
N GLU A 439 9.77 19.59 8.63
CA GLU A 439 10.28 20.44 7.55
C GLU A 439 10.68 21.80 8.16
N HIS A 440 9.81 22.34 9.02
CA HIS A 440 10.05 23.63 9.66
C HIS A 440 11.19 23.63 10.67
N LEU A 441 11.17 22.71 11.62
CA LEU A 441 12.22 22.67 12.62
C LEU A 441 13.61 22.65 12.01
N PHE A 442 13.69 22.42 10.70
CA PHE A 442 14.99 22.39 10.05
C PHE A 442 15.48 23.77 9.63
N PHE A 443 14.70 24.51 8.85
CA PHE A 443 15.14 25.83 8.45
C PHE A 443 15.08 26.76 9.67
N PHE A 444 15.00 26.12 10.83
CA PHE A 444 14.96 26.80 12.13
C PHE A 444 16.22 26.34 12.87
N LYS A 445 16.69 25.14 12.56
CA LYS A 445 17.84 24.57 13.24
C LYS A 445 19.20 25.14 12.85
N LEU A 446 19.80 24.63 11.77
CA LEU A 446 21.09 25.15 11.37
C LEU A 446 20.94 26.54 10.76
N ILE A 447 20.33 27.42 11.55
CA ILE A 447 20.09 28.82 11.23
C ILE A 447 20.57 29.48 12.52
N GLY A 448 20.04 29.01 13.64
CA GLY A 448 20.45 29.52 14.94
C GLY A 448 19.77 30.77 15.42
N ASP A 449 18.55 31.04 14.94
CA ASP A 449 17.84 32.24 15.36
C ASP A 449 17.00 32.05 16.62
N THR A 450 16.68 30.80 16.95
CA THR A 450 15.91 30.49 18.15
C THR A 450 16.43 29.24 18.88
N PRO A 451 16.23 29.18 20.20
CA PRO A 451 16.70 28.06 21.03
C PRO A 451 16.02 26.70 20.84
N ILE A 452 16.85 25.66 20.75
CA ILE A 452 16.39 24.29 20.57
C ILE A 452 17.29 23.58 21.57
N ASP A 453 16.68 22.86 22.52
CA ASP A 453 17.41 22.15 23.55
C ASP A 453 18.19 20.97 22.98
N THR A 454 18.85 20.24 23.87
CA THR A 454 19.68 19.09 23.50
C THR A 454 18.98 17.86 22.94
N PHE A 455 18.04 17.29 23.69
CA PHE A 455 17.35 16.09 23.21
C PHE A 455 16.82 16.30 21.80
N LEU A 456 16.41 17.53 21.50
CA LEU A 456 15.89 17.85 20.18
C LEU A 456 17.00 17.81 19.13
N MET A 457 18.24 17.98 19.55
CA MET A 457 19.36 17.97 18.62
C MET A 457 19.73 16.55 18.22
N GLU A 458 19.62 15.61 19.15
CA GLU A 458 19.96 14.23 18.85
C GLU A 458 18.91 13.66 17.91
N MET A 459 17.67 14.12 18.07
CA MET A 459 16.55 13.67 17.25
C MET A 459 16.62 14.26 15.85
N LEU A 460 17.30 15.39 15.73
CA LEU A 460 17.44 16.07 14.44
C LEU A 460 18.87 15.99 13.89
N MET B 49 -23.31 -20.13 -13.02
CA MET B 49 -22.88 -20.50 -14.40
C MET B 49 -21.35 -20.45 -14.54
N ALA B 50 -20.67 -20.01 -13.48
CA ALA B 50 -19.20 -19.91 -13.43
C ALA B 50 -18.70 -20.27 -12.03
N ILE B 51 -18.94 -21.51 -11.62
CA ILE B 51 -18.53 -22.00 -10.30
C ILE B 51 -17.01 -22.03 -10.13
N GLU B 52 -16.58 -22.66 -9.04
CA GLU B 52 -15.16 -22.79 -8.75
C GLU B 52 -14.85 -24.17 -8.21
N CYS B 53 -13.58 -24.42 -7.92
CA CYS B 53 -13.11 -25.72 -7.42
C CYS B 53 -13.37 -25.95 -5.93
N ARG B 54 -13.49 -27.22 -5.56
CA ARG B 54 -13.75 -27.58 -4.17
C ARG B 54 -12.53 -27.94 -3.34
N VAL B 55 -11.36 -28.01 -3.97
CA VAL B 55 -10.15 -28.35 -3.24
C VAL B 55 -9.23 -27.14 -2.99
N CYS B 56 -9.10 -26.27 -4.00
CA CYS B 56 -8.24 -25.11 -3.86
C CYS B 56 -8.95 -23.78 -4.08
N GLY B 57 -10.14 -23.81 -4.65
CA GLY B 57 -10.86 -22.58 -4.87
C GLY B 57 -10.58 -21.86 -6.18
N ASP B 58 -9.84 -22.51 -7.07
CA ASP B 58 -9.56 -21.90 -8.34
C ASP B 58 -10.85 -22.08 -9.15
N LYS B 59 -10.88 -21.61 -10.39
CA LYS B 59 -12.05 -21.78 -11.22
C LYS B 59 -12.12 -23.26 -11.57
N ALA B 60 -13.32 -23.84 -11.57
CA ALA B 60 -13.47 -25.25 -11.91
C ALA B 60 -13.52 -25.44 -13.42
N SER B 61 -12.82 -26.45 -13.92
CA SER B 61 -12.81 -26.71 -15.35
C SER B 61 -13.94 -27.66 -15.73
N GLY B 62 -14.52 -28.32 -14.74
CA GLY B 62 -15.61 -29.24 -15.00
C GLY B 62 -15.86 -30.20 -13.86
N PHE B 63 -16.82 -31.10 -14.03
CA PHE B 63 -17.15 -32.11 -13.02
C PHE B 63 -16.24 -33.32 -13.25
N HIS B 64 -15.13 -33.35 -12.51
CA HIS B 64 -14.16 -34.44 -12.61
C HIS B 64 -14.25 -35.30 -11.37
N TYR B 65 -14.25 -36.61 -11.55
CA TYR B 65 -14.31 -37.55 -10.43
C TYR B 65 -15.30 -37.10 -9.36
N GLY B 66 -16.57 -37.08 -9.74
CA GLY B 66 -17.63 -36.70 -8.83
C GLY B 66 -17.34 -35.55 -7.90
N VAL B 67 -17.03 -34.39 -8.48
CA VAL B 67 -16.75 -33.18 -7.71
C VAL B 67 -16.11 -32.11 -8.60
N HIS B 68 -16.53 -30.86 -8.38
CA HIS B 68 -16.03 -29.73 -9.17
C HIS B 68 -14.59 -29.42 -8.84
N ALA B 69 -13.72 -29.69 -9.80
CA ALA B 69 -12.30 -29.46 -9.59
C ALA B 69 -11.67 -28.71 -10.74
N CYS B 70 -10.60 -27.99 -10.39
CA CYS B 70 -9.85 -27.20 -11.36
C CYS B 70 -9.05 -28.16 -12.23
N GLU B 71 -8.72 -27.72 -13.44
CA GLU B 71 -7.94 -28.55 -14.35
C GLU B 71 -6.60 -28.89 -13.72
N GLY B 72 -6.32 -28.29 -12.57
CA GLY B 72 -5.08 -28.55 -11.86
C GLY B 72 -5.16 -29.71 -10.88
N CYS B 73 -6.19 -29.70 -10.03
CA CYS B 73 -6.39 -30.77 -9.05
C CYS B 73 -6.74 -32.05 -9.81
N LYS B 74 -7.67 -31.93 -10.75
CA LYS B 74 -8.11 -33.06 -11.58
C LYS B 74 -6.89 -33.86 -12.03
N GLY B 75 -5.86 -33.16 -12.48
CA GLY B 75 -4.66 -33.84 -12.92
C GLY B 75 -3.84 -34.39 -11.78
N PHE B 76 -3.74 -33.62 -10.69
CA PHE B 76 -2.98 -34.05 -9.52
C PHE B 76 -3.51 -35.39 -9.03
N PHE B 77 -4.82 -35.46 -8.90
CA PHE B 77 -5.50 -36.66 -8.42
C PHE B 77 -5.30 -37.85 -9.39
N ARG B 78 -5.70 -37.64 -10.63
CA ARG B 78 -5.57 -38.67 -11.64
C ARG B 78 -4.11 -39.16 -11.72
N ARG B 79 -3.16 -38.39 -11.20
CA ARG B 79 -1.73 -38.79 -11.23
C ARG B 79 -1.28 -39.45 -9.93
N THR B 80 -1.97 -39.16 -8.83
CA THR B 80 -1.61 -39.78 -7.57
C THR B 80 -1.98 -41.25 -7.71
N ILE B 81 -3.23 -41.51 -8.07
CA ILE B 81 -3.72 -42.86 -8.30
C ILE B 81 -2.90 -43.54 -9.41
N ARG B 82 -2.95 -42.94 -10.60
CA ARG B 82 -2.24 -43.43 -11.79
C ARG B 82 -0.84 -43.98 -11.52
N LEU B 83 -0.10 -43.38 -10.58
CA LEU B 83 1.26 -43.81 -10.24
C LEU B 83 1.37 -44.33 -8.80
N LYS B 84 0.24 -44.41 -8.12
CA LYS B 84 0.16 -44.89 -6.74
C LYS B 84 0.88 -44.03 -5.71
N LEU B 85 1.46 -42.91 -6.16
CA LEU B 85 2.17 -41.99 -5.29
C LEU B 85 1.66 -41.94 -3.83
N ILE B 86 2.57 -42.14 -2.90
CA ILE B 86 2.21 -42.10 -1.49
C ILE B 86 2.94 -40.96 -0.80
N TYR B 87 2.38 -39.75 -0.95
CA TYR B 87 2.97 -38.55 -0.38
C TYR B 87 3.18 -38.66 1.12
N ASP B 88 4.38 -38.26 1.54
CA ASP B 88 4.76 -38.29 2.95
C ASP B 88 3.66 -37.72 3.85
N ARG B 89 3.62 -38.15 5.10
CA ARG B 89 2.59 -37.67 6.01
C ARG B 89 2.80 -36.22 6.44
N CYS B 90 1.82 -35.67 7.15
CA CYS B 90 1.86 -34.30 7.64
C CYS B 90 0.58 -34.06 8.43
N ASP B 91 0.69 -33.58 9.66
CA ASP B 91 -0.50 -33.36 10.46
C ASP B 91 -1.11 -31.98 10.26
N LEU B 92 -0.31 -30.93 10.38
CA LEU B 92 -0.77 -29.55 10.21
C LEU B 92 -1.91 -29.44 9.21
N ASN B 93 -3.11 -29.10 9.69
CA ASN B 93 -4.23 -28.96 8.77
C ASN B 93 -3.87 -27.80 7.84
N CYS B 94 -3.46 -28.15 6.62
CA CYS B 94 -3.05 -27.15 5.63
C CYS B 94 -4.15 -26.54 4.78
N ARG B 95 -4.33 -25.23 4.91
CA ARG B 95 -5.33 -24.53 4.12
C ARG B 95 -4.93 -24.74 2.67
N ILE B 96 -5.90 -24.85 1.78
CA ILE B 96 -5.58 -25.11 0.38
C ILE B 96 -6.26 -24.20 -0.64
N HIS B 97 -5.62 -23.10 -1.00
CA HIS B 97 -6.16 -22.21 -2.02
C HIS B 97 -5.19 -22.12 -3.20
N LYS B 98 -5.62 -21.42 -4.25
CA LYS B 98 -4.83 -21.28 -5.46
C LYS B 98 -3.33 -21.41 -5.38
N LYS B 99 -2.66 -20.71 -4.46
CA LYS B 99 -1.20 -20.80 -4.43
C LYS B 99 -0.57 -21.79 -3.44
N SER B 100 -1.23 -22.01 -2.31
CA SER B 100 -0.67 -22.95 -1.35
C SER B 100 -0.82 -24.38 -1.83
N ARG B 101 -1.72 -24.61 -2.77
CA ARG B 101 -1.98 -25.95 -3.30
C ARG B 101 -0.75 -26.84 -3.47
N ASN B 102 0.27 -26.33 -4.15
CA ASN B 102 1.48 -27.09 -4.40
C ASN B 102 2.47 -27.01 -3.23
N LYS B 103 1.96 -26.59 -2.08
CA LYS B 103 2.79 -26.46 -0.88
C LYS B 103 2.92 -27.80 -0.17
N CYS B 104 1.85 -28.57 -0.11
CA CYS B 104 1.90 -29.86 0.54
C CYS B 104 1.10 -30.89 -0.24
N GLN B 105 1.82 -31.82 -0.87
CA GLN B 105 1.20 -32.87 -1.66
C GLN B 105 0.29 -33.81 -0.86
N TYR B 106 0.50 -33.88 0.45
CA TYR B 106 -0.30 -34.75 1.29
C TYR B 106 -1.63 -34.12 1.68
N CYS B 107 -1.62 -32.85 2.04
CA CYS B 107 -2.85 -32.19 2.42
C CYS B 107 -3.74 -31.94 1.22
N ARG B 108 -3.14 -31.77 0.05
CA ARG B 108 -3.91 -31.53 -1.18
C ARG B 108 -4.59 -32.83 -1.60
N PHE B 109 -3.82 -33.92 -1.67
CA PHE B 109 -4.37 -35.22 -2.04
C PHE B 109 -5.25 -35.74 -0.90
N GLN B 110 -5.42 -34.89 0.11
CA GLN B 110 -6.24 -35.22 1.26
C GLN B 110 -7.58 -34.53 1.07
N LYS B 111 -7.58 -33.22 1.23
CA LYS B 111 -8.76 -32.39 1.09
C LYS B 111 -9.67 -32.80 -0.07
N CYS B 112 -9.07 -32.98 -1.25
CA CYS B 112 -9.87 -33.38 -2.40
C CYS B 112 -10.58 -34.70 -2.08
N LEU B 113 -9.82 -35.70 -1.64
CA LEU B 113 -10.40 -36.99 -1.29
C LEU B 113 -11.48 -36.80 -0.21
N ALA B 114 -11.33 -35.74 0.58
CA ALA B 114 -12.27 -35.46 1.68
C ALA B 114 -13.50 -34.66 1.25
N VAL B 115 -13.75 -34.58 -0.05
CA VAL B 115 -14.92 -33.86 -0.57
C VAL B 115 -15.31 -34.47 -1.89
N GLY B 116 -15.38 -35.78 -1.92
CA GLY B 116 -15.74 -36.47 -3.13
C GLY B 116 -14.46 -36.99 -3.76
N MET B 117 -14.19 -36.57 -5.00
CA MET B 117 -12.99 -36.97 -5.69
C MET B 117 -12.78 -38.49 -5.64
N SER B 118 -13.47 -39.22 -6.51
CA SER B 118 -13.35 -40.67 -6.56
C SER B 118 -13.19 -41.15 -7.98
N HIS B 119 -12.30 -42.12 -8.19
CA HIS B 119 -12.10 -42.65 -9.52
C HIS B 119 -13.30 -43.53 -9.84
N ASN B 120 -14.39 -43.28 -9.11
CA ASN B 120 -15.62 -44.03 -9.29
C ASN B 120 -16.74 -43.12 -9.77
N ALA B 121 -17.17 -42.17 -8.93
CA ALA B 121 -18.27 -41.27 -9.29
C ALA B 121 -18.04 -40.44 -10.55
N ILE B 122 -17.00 -40.76 -11.31
CA ILE B 122 -16.74 -40.01 -12.54
C ILE B 122 -17.96 -40.14 -13.45
N ARG B 123 -18.87 -39.19 -13.33
CA ARG B 123 -20.11 -39.15 -14.12
C ARG B 123 -19.94 -38.49 -15.50
N PHE B 124 -19.69 -39.30 -16.54
CA PHE B 124 -19.50 -38.80 -17.90
C PHE B 124 -20.79 -38.24 -18.49
N GLY B 125 -20.73 -37.83 -19.76
CA GLY B 125 -21.92 -37.34 -20.44
C GLY B 125 -22.20 -35.85 -20.47
N ARG B 126 -23.48 -35.52 -20.66
CA ARG B 126 -23.95 -34.14 -20.71
C ARG B 126 -24.65 -33.85 -19.38
N MET B 127 -24.55 -32.63 -18.86
CA MET B 127 -25.20 -32.31 -17.60
C MET B 127 -26.72 -32.41 -17.80
N PRO B 128 -27.38 -33.42 -17.21
CA PRO B 128 -28.83 -33.67 -17.29
C PRO B 128 -29.80 -32.64 -16.69
N GLN B 129 -29.62 -32.29 -15.42
CA GLN B 129 -30.51 -31.33 -14.76
C GLN B 129 -29.74 -30.21 -14.05
N ALA B 130 -28.95 -29.47 -14.84
CA ALA B 130 -28.16 -28.36 -14.31
C ALA B 130 -28.95 -27.63 -13.24
N GLU B 131 -30.20 -27.29 -13.58
CA GLU B 131 -31.12 -26.59 -12.69
C GLU B 131 -30.83 -26.77 -11.20
N LYS B 132 -30.84 -28.03 -10.76
CA LYS B 132 -30.61 -28.37 -9.35
C LYS B 132 -29.52 -27.49 -8.73
N GLU B 133 -28.43 -27.29 -9.46
CA GLU B 133 -27.33 -26.47 -8.97
C GLU B 133 -26.92 -25.43 -10.00
N LYS B 134 -27.89 -24.95 -10.78
CA LYS B 134 -27.64 -23.92 -11.79
C LYS B 134 -28.06 -22.59 -11.17
N LEU B 135 -28.23 -22.63 -9.85
CA LEU B 135 -28.62 -21.44 -9.09
C LEU B 135 -27.36 -21.00 -8.33
N LEU B 136 -26.22 -21.44 -8.86
CA LEU B 136 -24.91 -21.14 -8.31
C LEU B 136 -24.76 -21.67 -6.89
N ALA B 137 -23.62 -21.37 -6.26
CA ALA B 137 -23.35 -21.80 -4.89
C ALA B 137 -24.48 -21.39 -3.96
N GLU B 138 -24.49 -20.12 -3.58
CA GLU B 138 -25.53 -19.61 -2.69
C GLU B 138 -26.86 -19.51 -3.45
N ILE B 139 -27.69 -20.53 -3.28
CA ILE B 139 -28.99 -20.59 -3.92
C ILE B 139 -30.04 -20.22 -2.88
N SER B 140 -30.37 -21.17 -2.00
CA SER B 140 -31.33 -20.96 -0.93
C SER B 140 -30.56 -20.42 0.26
N SER B 141 -29.24 -20.55 0.20
CA SER B 141 -28.34 -20.05 1.24
C SER B 141 -28.00 -18.61 0.87
N ASP B 142 -28.58 -18.16 -0.24
CA ASP B 142 -28.36 -16.81 -0.74
C ASP B 142 -29.34 -15.84 -0.09
N ILE B 143 -30.59 -16.28 0.12
CA ILE B 143 -31.59 -15.44 0.75
C ILE B 143 -31.20 -15.27 2.22
N ASP B 144 -29.92 -15.49 2.49
CA ASP B 144 -29.34 -15.37 3.82
C ASP B 144 -28.10 -14.46 3.71
N GLN B 145 -27.41 -14.56 2.59
CA GLN B 145 -26.24 -13.73 2.35
C GLN B 145 -26.61 -12.55 1.46
N LEU B 146 -27.50 -12.77 0.50
CA LEU B 146 -27.95 -11.70 -0.38
C LEU B 146 -28.91 -10.84 0.44
N ASN B 147 -28.72 -10.88 1.76
CA ASN B 147 -29.51 -10.13 2.73
C ASN B 147 -28.69 -10.11 4.03
N PRO B 148 -29.01 -9.20 4.96
CA PRO B 148 -30.04 -8.16 4.99
C PRO B 148 -29.68 -6.80 4.35
N GLU B 149 -28.99 -5.97 5.13
CA GLU B 149 -28.57 -4.65 4.69
C GLU B 149 -27.39 -4.82 3.74
N SER B 150 -26.56 -5.80 4.06
CA SER B 150 -25.36 -6.12 3.29
C SER B 150 -25.67 -6.45 1.83
N ALA B 151 -26.90 -6.87 1.56
CA ALA B 151 -27.29 -7.20 0.21
C ALA B 151 -26.97 -5.96 -0.62
N ASP B 152 -27.19 -4.79 -0.03
CA ASP B 152 -26.95 -3.52 -0.67
C ASP B 152 -25.47 -3.12 -0.65
N LEU B 153 -24.77 -3.51 0.42
CA LEU B 153 -23.35 -3.22 0.52
C LEU B 153 -22.72 -3.97 -0.65
N ARG B 154 -23.23 -5.17 -0.89
CA ARG B 154 -22.78 -6.04 -1.96
C ARG B 154 -23.03 -5.31 -3.27
N ALA B 155 -24.19 -4.67 -3.37
CA ALA B 155 -24.58 -3.93 -4.57
C ALA B 155 -23.61 -2.81 -4.84
N LEU B 156 -23.42 -1.97 -3.82
CA LEU B 156 -22.51 -0.84 -3.90
C LEU B 156 -21.14 -1.29 -4.37
N ALA B 157 -20.65 -2.36 -3.74
CA ALA B 157 -19.35 -2.94 -4.06
C ALA B 157 -19.30 -3.22 -5.55
N LYS B 158 -20.38 -3.79 -6.09
CA LYS B 158 -20.45 -4.11 -7.50
C LYS B 158 -20.45 -2.85 -8.36
N HIS B 159 -21.36 -1.92 -8.05
CA HIS B 159 -21.47 -0.66 -8.78
C HIS B 159 -20.07 -0.05 -8.99
N LEU B 160 -19.44 0.32 -7.88
CA LEU B 160 -18.12 0.91 -7.90
C LEU B 160 -17.12 0.07 -8.68
N TYR B 161 -17.31 -1.25 -8.66
CA TYR B 161 -16.42 -2.13 -9.39
C TYR B 161 -16.70 -1.99 -10.88
N ASP B 162 -17.95 -2.27 -11.26
CA ASP B 162 -18.38 -2.18 -12.64
C ASP B 162 -18.08 -0.82 -13.23
N SER B 163 -18.04 0.19 -12.36
CA SER B 163 -17.76 1.56 -12.78
C SER B 163 -16.26 1.78 -12.95
N TYR B 164 -15.51 1.18 -12.03
CA TYR B 164 -14.06 1.26 -12.04
C TYR B 164 -13.58 0.65 -13.36
N ILE B 165 -14.23 -0.44 -13.77
CA ILE B 165 -13.85 -1.12 -15.01
C ILE B 165 -14.08 -0.29 -16.26
N LYS B 166 -15.09 0.56 -16.24
CA LYS B 166 -15.37 1.40 -17.40
C LYS B 166 -14.59 2.71 -17.37
N SER B 167 -14.12 3.10 -16.20
CA SER B 167 -13.37 4.34 -16.07
C SER B 167 -11.90 4.23 -16.47
N PHE B 168 -11.20 3.23 -15.95
CA PHE B 168 -9.79 3.04 -16.26
C PHE B 168 -9.56 1.84 -17.18
N PRO B 169 -8.72 2.01 -18.20
CA PRO B 169 -8.45 0.92 -19.14
C PRO B 169 -7.68 -0.21 -18.49
N LEU B 170 -6.36 -0.02 -18.39
CA LEU B 170 -5.47 -1.00 -17.83
C LEU B 170 -5.77 -1.34 -16.36
N THR B 171 -6.58 -2.37 -16.14
CA THR B 171 -6.92 -2.78 -14.78
C THR B 171 -5.79 -3.62 -14.17
N LYS B 172 -5.87 -3.92 -12.86
CA LYS B 172 -4.83 -4.71 -12.19
C LYS B 172 -4.80 -6.06 -12.87
N ALA B 173 -5.99 -6.54 -13.20
CA ALA B 173 -6.16 -7.81 -13.87
C ALA B 173 -5.13 -7.93 -14.98
N LYS B 174 -5.29 -7.07 -15.98
CA LYS B 174 -4.42 -7.04 -17.15
C LYS B 174 -2.94 -6.95 -16.80
N ALA B 175 -2.55 -5.85 -16.16
CA ALA B 175 -1.17 -5.62 -15.78
C ALA B 175 -0.50 -6.88 -15.20
N ARG B 176 -1.27 -7.69 -14.48
CA ARG B 176 -0.73 -8.90 -13.89
C ARG B 176 -0.53 -10.00 -14.93
N ALA B 177 -1.39 -10.01 -15.93
CA ALA B 177 -1.29 -11.02 -17.00
C ALA B 177 0.05 -10.77 -17.64
N ILE B 178 0.28 -9.51 -17.94
CA ILE B 178 1.50 -9.06 -18.57
C ILE B 178 2.72 -9.37 -17.70
N LEU B 179 2.73 -8.92 -16.46
CA LEU B 179 3.88 -9.15 -15.57
C LEU B 179 4.08 -10.63 -15.18
N THR B 180 3.14 -11.49 -15.55
CA THR B 180 3.23 -12.91 -15.25
C THR B 180 3.50 -13.66 -16.55
N GLY B 181 3.42 -12.92 -17.65
CA GLY B 181 3.65 -13.47 -18.96
C GLY B 181 2.54 -14.37 -19.49
N LYS B 182 1.48 -14.55 -18.70
CA LYS B 182 0.38 -15.41 -19.10
C LYS B 182 -0.63 -14.72 -20.01
N THR B 183 -0.12 -14.07 -21.05
CA THR B 183 -0.98 -13.38 -22.00
C THR B 183 -0.52 -13.61 -23.45
N THR B 184 -1.46 -13.61 -24.37
CA THR B 184 -1.15 -13.83 -25.78
C THR B 184 -0.69 -12.52 -26.40
N ASP B 185 0.06 -11.75 -25.63
CA ASP B 185 0.60 -10.48 -26.09
C ASP B 185 2.11 -10.60 -26.20
N LYS B 186 2.75 -9.63 -26.82
CA LYS B 186 4.18 -9.63 -27.00
C LYS B 186 4.82 -9.06 -25.74
N SER B 187 5.96 -9.59 -25.32
CA SER B 187 6.61 -9.07 -24.11
C SER B 187 6.94 -7.60 -24.33
N PRO B 188 6.47 -6.72 -23.42
CA PRO B 188 6.72 -5.28 -23.51
C PRO B 188 8.20 -4.95 -23.71
N PHE B 189 8.49 -3.98 -24.58
CA PHE B 189 9.87 -3.63 -24.82
C PHE B 189 10.51 -3.04 -23.57
N VAL B 190 11.37 -3.82 -22.94
CA VAL B 190 12.04 -3.39 -21.74
C VAL B 190 13.01 -2.24 -21.98
N ILE B 191 12.94 -1.25 -21.10
CA ILE B 191 13.78 -0.05 -21.17
C ILE B 191 14.67 0.08 -19.94
N TYR B 192 15.91 -0.41 -20.06
CA TYR B 192 16.87 -0.36 -18.96
C TYR B 192 18.02 0.65 -19.10
N ASP B 193 18.11 1.29 -20.27
CA ASP B 193 19.14 2.31 -20.49
C ASP B 193 18.84 3.24 -21.65
N MET B 194 19.84 4.05 -22.00
CA MET B 194 19.71 5.04 -23.08
C MET B 194 19.43 4.42 -24.44
N ASN B 195 20.10 3.32 -24.77
CA ASN B 195 19.89 2.66 -26.05
C ASN B 195 18.46 2.15 -26.20
N SER B 196 17.96 1.51 -25.15
CA SER B 196 16.60 0.98 -25.18
C SER B 196 15.57 2.11 -25.19
N LEU B 197 15.85 3.19 -24.47
CA LEU B 197 14.94 4.34 -24.40
C LEU B 197 14.95 5.05 -25.74
N MET B 198 16.13 5.54 -26.15
CA MET B 198 16.28 6.16 -27.46
C MET B 198 15.52 5.38 -28.53
N MET B 199 15.40 4.07 -28.32
CA MET B 199 14.83 3.19 -29.33
C MET B 199 13.31 3.15 -29.24
N GLY B 200 12.81 2.76 -28.07
CA GLY B 200 11.37 2.66 -27.86
C GLY B 200 10.71 4.02 -27.75
N GLU B 201 11.51 5.04 -27.49
CA GLU B 201 11.01 6.42 -27.47
C GLU B 201 10.54 6.85 -28.85
N ASP B 202 10.89 6.06 -29.87
CA ASP B 202 10.47 6.34 -31.24
C ASP B 202 9.36 5.34 -31.52
N LYS B 203 9.61 4.08 -31.16
CA LYS B 203 8.62 3.03 -31.33
C LYS B 203 7.46 3.45 -30.42
N ILE B 204 6.40 4.01 -31.01
CA ILE B 204 5.24 4.51 -30.29
C ILE B 204 5.54 5.93 -29.82
N LYS B 205 5.48 6.87 -30.75
CA LYS B 205 5.75 8.28 -30.47
C LYS B 205 4.60 9.16 -30.95
N PHE B 206 4.48 10.36 -30.36
CA PHE B 206 3.43 11.29 -30.73
C PHE B 206 4.01 12.64 -31.12
N GLN B 215 10.09 16.38 -28.82
CA GLN B 215 10.96 17.50 -28.48
C GLN B 215 12.16 17.08 -27.65
N SER B 216 13.35 17.25 -28.23
CA SER B 216 14.59 16.90 -27.55
C SER B 216 14.86 17.89 -26.43
N LYS B 217 14.54 17.48 -25.21
CA LYS B 217 14.74 18.32 -24.04
C LYS B 217 15.83 17.74 -23.15
N GLU B 218 15.78 16.44 -22.93
CA GLU B 218 16.75 15.76 -22.10
C GLU B 218 16.15 14.43 -21.67
N VAL B 219 16.99 13.41 -21.57
CA VAL B 219 16.50 12.09 -21.19
C VAL B 219 15.73 12.17 -19.88
N ALA B 220 16.39 12.72 -18.86
CA ALA B 220 15.78 12.84 -17.54
C ALA B 220 14.52 13.70 -17.58
N ILE B 221 14.51 14.73 -18.42
CA ILE B 221 13.37 15.62 -18.55
C ILE B 221 12.31 15.03 -19.47
N ARG B 222 12.71 14.24 -20.45
CA ARG B 222 11.73 13.64 -21.35
C ARG B 222 10.97 12.56 -20.59
N ILE B 223 11.73 11.71 -19.89
CA ILE B 223 11.14 10.63 -19.12
C ILE B 223 9.94 11.11 -18.33
N PHE B 224 10.13 12.10 -17.48
CA PHE B 224 9.03 12.58 -16.66
C PHE B 224 8.11 13.64 -17.25
N GLN B 225 8.62 14.52 -18.09
CA GLN B 225 7.76 15.53 -18.71
C GLN B 225 6.79 14.78 -19.62
N GLY B 226 7.33 13.79 -20.32
CA GLY B 226 6.54 13.00 -21.26
C GLY B 226 5.44 12.12 -20.71
N CYS B 227 5.41 11.92 -19.40
CA CYS B 227 4.36 11.08 -18.79
C CYS B 227 3.23 11.99 -18.31
N GLN B 228 3.51 13.28 -18.22
CA GLN B 228 2.53 14.25 -17.76
C GLN B 228 1.19 14.09 -18.43
N PHE B 229 1.14 13.60 -19.66
CA PHE B 229 -0.16 13.46 -20.30
C PHE B 229 -0.94 12.27 -19.73
N ARG B 230 -0.23 11.29 -19.17
CA ARG B 230 -0.90 10.14 -18.58
C ARG B 230 -1.49 10.56 -17.24
N SER B 231 -0.73 11.38 -16.51
CA SER B 231 -1.15 11.88 -15.22
C SER B 231 -2.47 12.60 -15.45
N VAL B 232 -2.48 13.45 -16.48
CA VAL B 232 -3.65 14.21 -16.85
C VAL B 232 -4.79 13.27 -17.18
N GLU B 233 -4.60 12.41 -18.16
CA GLU B 233 -5.65 11.47 -18.52
C GLU B 233 -6.10 10.78 -17.24
N ALA B 234 -5.14 10.23 -16.50
CA ALA B 234 -5.42 9.57 -15.23
C ALA B 234 -6.41 10.43 -14.43
N VAL B 235 -6.01 11.67 -14.16
CA VAL B 235 -6.84 12.61 -13.42
C VAL B 235 -8.23 12.71 -14.03
N GLN B 236 -8.30 12.66 -15.35
CA GLN B 236 -9.59 12.74 -16.02
C GLN B 236 -10.44 11.52 -15.74
N GLU B 237 -9.83 10.33 -15.73
CA GLU B 237 -10.55 9.08 -15.46
C GLU B 237 -11.07 9.07 -14.03
N ILE B 238 -10.16 9.25 -13.09
CA ILE B 238 -10.52 9.29 -11.67
C ILE B 238 -11.78 10.13 -11.56
N THR B 239 -11.69 11.38 -12.00
CA THR B 239 -12.82 12.30 -11.95
C THR B 239 -14.12 11.70 -12.42
N GLU B 240 -14.13 11.04 -13.58
CA GLU B 240 -15.38 10.44 -14.06
C GLU B 240 -15.80 9.28 -13.19
N TYR B 241 -14.82 8.69 -12.51
CA TYR B 241 -15.13 7.60 -11.61
C TYR B 241 -15.75 8.24 -10.35
N ALA B 242 -15.20 9.38 -9.93
CA ALA B 242 -15.71 10.06 -8.75
C ALA B 242 -17.22 10.27 -8.83
N LYS B 243 -17.70 10.71 -9.99
CA LYS B 243 -19.12 10.95 -10.21
C LYS B 243 -19.94 9.68 -10.03
N SER B 244 -19.31 8.53 -10.26
CA SER B 244 -20.01 7.25 -10.13
C SER B 244 -20.19 6.80 -8.68
N ILE B 245 -19.56 7.52 -7.77
CA ILE B 245 -19.68 7.20 -6.35
C ILE B 245 -20.98 7.86 -5.88
N PRO B 246 -21.96 7.05 -5.43
CA PRO B 246 -23.27 7.52 -4.95
C PRO B 246 -23.08 8.78 -4.10
N GLY B 247 -23.73 9.87 -4.50
CA GLY B 247 -23.64 11.12 -3.75
C GLY B 247 -22.47 12.08 -3.88
N PHE B 248 -21.60 11.85 -4.84
CA PHE B 248 -20.44 12.72 -5.04
C PHE B 248 -20.80 14.01 -5.78
N VAL B 249 -21.54 13.87 -6.88
CA VAL B 249 -21.95 15.02 -7.67
C VAL B 249 -22.80 15.97 -6.83
N ASN B 250 -23.61 15.40 -5.95
CA ASN B 250 -24.47 16.17 -5.06
C ASN B 250 -23.75 17.08 -4.07
N LEU B 251 -22.67 16.58 -3.47
CA LEU B 251 -21.86 17.35 -2.51
C LEU B 251 -21.54 18.71 -3.14
N ASP B 252 -21.56 19.75 -2.32
CA ASP B 252 -21.28 21.11 -2.79
C ASP B 252 -20.18 20.94 -3.84
N LEU B 253 -20.43 21.40 -5.06
CA LEU B 253 -19.46 21.30 -6.15
C LEU B 253 -18.11 21.92 -5.75
N ASN B 254 -18.12 22.81 -4.77
CA ASN B 254 -16.87 23.42 -4.31
C ASN B 254 -15.97 22.42 -3.56
N ASP B 255 -16.56 21.58 -2.72
CA ASP B 255 -15.77 20.60 -1.97
C ASP B 255 -15.49 19.44 -2.92
N GLN B 256 -16.38 19.29 -3.90
CA GLN B 256 -16.26 18.25 -4.91
C GLN B 256 -14.86 18.37 -5.53
N VAL B 257 -14.51 19.60 -5.89
CA VAL B 257 -13.22 19.91 -6.48
C VAL B 257 -12.11 19.66 -5.47
N THR B 258 -12.31 20.11 -4.23
CA THR B 258 -11.32 19.91 -3.18
C THR B 258 -11.06 18.41 -3.03
N LEU B 259 -12.11 17.64 -2.81
CA LEU B 259 -11.97 16.21 -2.66
C LEU B 259 -11.13 15.60 -3.77
N LEU B 260 -11.16 16.19 -4.96
CA LEU B 260 -10.34 15.65 -6.04
C LEU B 260 -8.95 16.24 -5.98
N LYS B 261 -8.85 17.55 -5.93
CA LYS B 261 -7.53 18.19 -5.88
C LYS B 261 -6.57 17.31 -5.07
N TYR B 262 -7.01 16.91 -3.89
CA TYR B 262 -6.22 16.08 -2.99
C TYR B 262 -6.34 14.58 -3.19
N GLY B 263 -7.36 14.14 -3.92
CA GLY B 263 -7.56 12.73 -4.12
C GLY B 263 -6.69 12.08 -5.18
N VAL B 264 -6.84 12.54 -6.42
CA VAL B 264 -6.09 12.01 -7.55
C VAL B 264 -4.68 11.54 -7.20
N HIS B 265 -3.88 12.39 -6.58
CA HIS B 265 -2.52 12.01 -6.22
C HIS B 265 -2.42 10.65 -5.58
N GLU B 266 -3.11 10.49 -4.45
CA GLU B 266 -3.10 9.23 -3.73
C GLU B 266 -3.69 8.10 -4.57
N ILE B 267 -4.72 8.41 -5.35
CA ILE B 267 -5.33 7.39 -6.19
C ILE B 267 -4.38 6.97 -7.28
N ILE B 268 -3.55 7.92 -7.77
CA ILE B 268 -2.57 7.65 -8.83
C ILE B 268 -1.52 6.63 -8.40
N TYR B 269 -0.97 6.78 -7.21
CA TYR B 269 0.05 5.86 -6.74
C TYR B 269 -0.52 4.48 -6.45
N THR B 270 -1.81 4.44 -6.13
CA THR B 270 -2.48 3.18 -5.82
C THR B 270 -2.59 2.37 -7.11
N MET B 271 -2.91 3.08 -8.20
CA MET B 271 -3.04 2.49 -9.54
C MET B 271 -1.65 2.17 -10.04
N LEU B 272 -0.78 3.18 -9.93
CA LEU B 272 0.59 3.07 -10.38
C LEU B 272 1.34 1.90 -9.76
N ALA B 273 0.76 1.25 -8.76
CA ALA B 273 1.41 0.12 -8.12
C ALA B 273 1.00 -1.17 -8.79
N SER B 274 -0.22 -1.21 -9.32
CA SER B 274 -0.65 -2.43 -9.98
C SER B 274 0.29 -2.72 -11.14
N LEU B 275 0.71 -1.67 -11.85
CA LEU B 275 1.60 -1.80 -12.99
C LEU B 275 3.05 -2.10 -12.55
N MET B 276 3.37 -1.81 -11.30
CA MET B 276 4.72 -2.02 -10.77
C MET B 276 5.05 -3.38 -10.13
N ASN B 277 6.34 -3.58 -9.90
CA ASN B 277 6.84 -4.76 -9.22
C ASN B 277 8.26 -4.40 -8.71
N LYS B 278 8.93 -5.32 -8.04
CA LYS B 278 10.24 -5.00 -7.47
C LYS B 278 11.26 -4.53 -8.49
N ASP B 279 11.19 -5.08 -9.70
CA ASP B 279 12.13 -4.78 -10.77
C ASP B 279 11.83 -3.66 -11.75
N GLY B 280 10.58 -3.26 -11.90
CA GLY B 280 10.32 -2.17 -12.82
C GLY B 280 8.90 -1.63 -12.79
N VAL B 281 8.42 -1.13 -13.93
CA VAL B 281 7.08 -0.59 -14.03
C VAL B 281 6.55 -0.61 -15.48
N LEU B 282 5.28 -0.96 -15.62
CA LEU B 282 4.61 -1.01 -16.92
C LEU B 282 4.34 0.40 -17.43
N ILE B 283 4.34 0.55 -18.74
CA ILE B 283 4.13 1.86 -19.30
C ILE B 283 3.54 1.76 -20.70
N SER B 284 3.16 2.92 -21.22
CA SER B 284 2.71 3.00 -22.60
C SER B 284 1.59 2.00 -22.87
N GLU B 285 0.58 1.99 -22.00
CA GLU B 285 -0.56 1.12 -22.15
C GLU B 285 -0.27 -0.28 -21.61
N GLY B 286 0.99 -0.53 -21.29
CA GLY B 286 1.42 -1.82 -20.79
C GLY B 286 2.13 -2.62 -21.84
N GLN B 287 2.69 -1.92 -22.82
CA GLN B 287 3.42 -2.55 -23.91
C GLN B 287 4.90 -2.29 -23.72
N GLY B 288 5.23 -1.54 -22.67
CA GLY B 288 6.61 -1.21 -22.36
C GLY B 288 6.86 -1.52 -20.90
N PHE B 289 8.12 -1.60 -20.49
CA PHE B 289 8.45 -1.92 -19.11
C PHE B 289 9.77 -1.30 -18.66
N MET B 290 9.73 -0.10 -18.11
CA MET B 290 10.94 0.57 -17.65
C MET B 290 11.43 -0.07 -16.34
N THR B 291 12.74 -0.26 -16.19
CA THR B 291 13.29 -0.89 -15.00
C THR B 291 13.46 0.04 -13.80
N ARG B 292 13.33 -0.51 -12.60
CA ARG B 292 13.47 0.28 -11.39
C ARG B 292 14.89 0.84 -11.33
N GLU B 293 15.83 -0.01 -11.76
CA GLU B 293 17.25 0.32 -11.77
C GLU B 293 17.65 1.46 -12.69
N PHE B 294 17.04 1.48 -13.87
CA PHE B 294 17.33 2.51 -14.86
C PHE B 294 16.87 3.84 -14.33
N LEU B 295 15.60 3.91 -13.92
CA LEU B 295 15.01 5.12 -13.38
C LEU B 295 15.88 5.61 -12.23
N LYS B 296 16.20 4.71 -11.33
CA LYS B 296 17.03 5.04 -10.19
C LYS B 296 18.30 5.73 -10.69
N SER B 297 18.63 5.50 -11.97
CA SER B 297 19.85 6.06 -12.58
C SER B 297 19.79 7.48 -13.14
N LEU B 298 18.61 8.05 -13.30
CA LEU B 298 18.50 9.40 -13.85
C LEU B 298 19.39 10.43 -13.12
N ARG B 299 19.54 11.60 -13.72
CA ARG B 299 20.41 12.63 -13.16
C ARG B 299 19.94 13.40 -11.95
N LYS B 300 20.92 13.89 -11.21
CA LYS B 300 20.74 14.68 -10.01
C LYS B 300 19.44 14.48 -9.25
N PRO B 301 18.38 15.27 -9.53
CA PRO B 301 17.19 15.00 -8.72
C PRO B 301 16.14 14.05 -9.29
N PHE B 302 16.33 13.61 -10.52
CA PHE B 302 15.36 12.73 -11.17
C PHE B 302 15.43 11.22 -10.92
N GLY B 303 16.50 10.75 -10.28
CA GLY B 303 16.64 9.31 -10.02
C GLY B 303 15.83 8.84 -8.82
N ASP B 304 15.82 9.64 -7.77
CA ASP B 304 15.09 9.37 -6.54
C ASP B 304 13.77 10.11 -6.61
N PHE B 305 12.99 9.80 -7.64
CA PHE B 305 11.72 10.45 -7.91
C PHE B 305 10.63 9.38 -7.87
N MET B 306 10.96 8.24 -8.47
CA MET B 306 10.07 7.09 -8.57
C MET B 306 10.40 6.04 -7.53
N GLU B 307 11.48 6.26 -6.78
CA GLU B 307 11.89 5.32 -5.74
C GLU B 307 10.82 5.17 -4.68
N PRO B 308 10.46 6.28 -4.03
CA PRO B 308 9.43 6.25 -2.98
C PRO B 308 8.19 5.45 -3.39
N LYS B 309 7.87 5.45 -4.68
CA LYS B 309 6.71 4.72 -5.15
C LYS B 309 6.97 3.21 -5.25
N PHE B 310 8.19 2.83 -5.56
CA PHE B 310 8.47 1.41 -5.67
C PHE B 310 8.41 0.79 -4.30
N GLU B 311 9.04 1.46 -3.34
CA GLU B 311 9.03 0.96 -1.96
C GLU B 311 7.60 0.74 -1.52
N PHE B 312 6.78 1.78 -1.70
CA PHE B 312 5.35 1.77 -1.37
C PHE B 312 4.60 0.67 -2.08
N ALA B 313 4.87 0.54 -3.38
CA ALA B 313 4.23 -0.45 -4.23
C ALA B 313 4.57 -1.88 -3.77
N VAL B 314 5.84 -2.15 -3.49
CA VAL B 314 6.25 -3.46 -3.01
C VAL B 314 5.46 -3.86 -1.73
N LYS B 315 5.16 -2.88 -0.89
CA LYS B 315 4.41 -3.12 0.33
C LYS B 315 2.93 -3.23 0.03
N PHE B 316 2.42 -2.29 -0.77
CA PHE B 316 0.99 -2.28 -1.06
C PHE B 316 0.56 -3.52 -1.81
N ASN B 317 1.50 -4.12 -2.52
CA ASN B 317 1.14 -5.29 -3.30
C ASN B 317 1.16 -6.51 -2.41
N ALA B 318 1.70 -6.37 -1.21
CA ALA B 318 1.73 -7.52 -0.31
C ALA B 318 0.32 -7.84 0.13
N LEU B 319 -0.53 -6.82 0.24
CA LEU B 319 -1.90 -7.04 0.68
C LEU B 319 -2.62 -7.92 -0.33
N GLU B 320 -2.11 -7.88 -1.55
CA GLU B 320 -2.67 -8.68 -2.63
C GLU B 320 -4.12 -8.32 -2.88
N LEU B 321 -4.37 -7.05 -3.15
CA LEU B 321 -5.72 -6.58 -3.42
C LEU B 321 -5.99 -6.65 -4.92
N ASP B 322 -7.19 -7.11 -5.28
CA ASP B 322 -7.60 -7.23 -6.67
C ASP B 322 -8.42 -6.00 -7.10
N ASP B 323 -8.90 -5.99 -8.33
CA ASP B 323 -9.69 -4.85 -8.80
C ASP B 323 -10.95 -4.66 -7.97
N SER B 324 -11.64 -5.74 -7.67
CA SER B 324 -12.84 -5.66 -6.85
C SER B 324 -12.55 -4.93 -5.53
N ASP B 325 -11.45 -5.30 -4.88
CA ASP B 325 -11.06 -4.67 -3.64
C ASP B 325 -10.57 -3.23 -3.85
N LEU B 326 -9.73 -3.03 -4.88
CA LEU B 326 -9.19 -1.69 -5.17
C LEU B 326 -10.24 -0.69 -5.67
N ALA B 327 -11.32 -1.19 -6.24
CA ALA B 327 -12.36 -0.31 -6.75
C ALA B 327 -13.06 0.44 -5.64
N ILE B 328 -13.13 -0.15 -4.45
CA ILE B 328 -13.78 0.51 -3.32
C ILE B 328 -12.77 1.35 -2.55
N PHE B 329 -11.65 0.72 -2.19
CA PHE B 329 -10.62 1.41 -1.43
C PHE B 329 -10.42 2.78 -2.03
N ILE B 330 -10.27 2.82 -3.34
CA ILE B 330 -10.07 4.06 -4.06
C ILE B 330 -11.17 5.08 -3.73
N ALA B 331 -12.42 4.65 -3.83
CA ALA B 331 -13.57 5.50 -3.56
C ALA B 331 -13.49 6.13 -2.18
N VAL B 332 -12.91 5.38 -1.24
CA VAL B 332 -12.74 5.85 0.13
C VAL B 332 -11.77 7.02 0.20
N ILE B 333 -10.74 7.01 -0.65
CA ILE B 333 -9.75 8.08 -0.65
C ILE B 333 -10.35 9.40 -1.13
N ILE B 334 -11.15 9.33 -2.18
CA ILE B 334 -11.73 10.54 -2.71
C ILE B 334 -12.64 11.17 -1.68
N LEU B 335 -13.31 10.34 -0.90
CA LEU B 335 -14.24 10.84 0.11
C LEU B 335 -13.69 10.89 1.54
N SER B 336 -12.64 11.69 1.72
CA SER B 336 -12.00 11.86 3.01
C SER B 336 -12.32 13.22 3.60
N GLY B 337 -13.22 13.24 4.58
CA GLY B 337 -13.59 14.51 5.19
C GLY B 337 -12.46 15.25 5.89
N ASP B 338 -11.25 14.71 5.86
CA ASP B 338 -10.15 15.37 6.53
C ASP B 338 -9.25 16.15 5.58
N ARG B 339 -9.86 16.66 4.50
CA ARG B 339 -9.13 17.45 3.50
C ARG B 339 -9.28 18.92 3.80
N PRO B 340 -8.17 19.67 3.72
CA PRO B 340 -8.23 21.10 4.00
C PRO B 340 -9.09 21.78 2.95
N GLY B 341 -9.85 22.79 3.36
CA GLY B 341 -10.70 23.50 2.42
C GLY B 341 -12.11 22.97 2.33
N LEU B 342 -12.50 22.14 3.28
CA LEU B 342 -13.84 21.57 3.27
C LEU B 342 -14.70 22.24 4.32
N LEU B 343 -15.98 22.44 4.02
CA LEU B 343 -16.87 23.01 5.01
C LEU B 343 -18.17 22.21 5.06
N ASN B 344 -18.46 21.49 3.98
CA ASN B 344 -19.66 20.68 3.96
C ASN B 344 -19.24 19.26 4.33
N VAL B 345 -18.32 19.18 5.30
CA VAL B 345 -17.74 17.92 5.81
C VAL B 345 -18.67 16.75 6.08
N LYS B 346 -19.57 16.87 7.06
CA LYS B 346 -20.51 15.79 7.41
C LYS B 346 -20.92 14.94 6.20
N PRO B 347 -21.48 15.57 5.15
CA PRO B 347 -21.91 14.85 3.95
C PRO B 347 -20.76 13.94 3.46
N ILE B 348 -19.67 14.59 3.07
CA ILE B 348 -18.46 13.91 2.60
C ILE B 348 -18.14 12.70 3.49
N GLU B 349 -18.15 12.91 4.80
CA GLU B 349 -17.82 11.84 5.74
C GLU B 349 -18.88 10.77 5.85
N ASP B 350 -20.13 11.12 5.56
CA ASP B 350 -21.19 10.14 5.65
C ASP B 350 -20.93 9.03 4.63
N ILE B 351 -20.67 9.41 3.39
CA ILE B 351 -20.40 8.44 2.34
C ILE B 351 -19.20 7.56 2.67
N GLN B 352 -18.12 8.19 3.08
CA GLN B 352 -16.93 7.43 3.43
C GLN B 352 -17.33 6.37 4.45
N ASP B 353 -18.20 6.77 5.36
CA ASP B 353 -18.71 5.89 6.41
C ASP B 353 -19.31 4.65 5.77
N ASN B 354 -20.19 4.85 4.81
CA ASN B 354 -20.82 3.75 4.13
C ASN B 354 -19.88 3.04 3.16
N LEU B 355 -19.02 3.79 2.48
CA LEU B 355 -18.08 3.16 1.56
C LEU B 355 -17.19 2.23 2.37
N LEU B 356 -16.68 2.71 3.50
CA LEU B 356 -15.83 1.90 4.36
C LEU B 356 -16.58 0.67 4.79
N GLN B 357 -17.85 0.85 5.15
CA GLN B 357 -18.71 -0.25 5.55
C GLN B 357 -18.64 -1.32 4.46
N ALA B 358 -18.82 -0.89 3.21
CA ALA B 358 -18.78 -1.78 2.06
C ALA B 358 -17.41 -2.44 1.91
N LEU B 359 -16.37 -1.61 1.93
CA LEU B 359 -15.00 -2.09 1.79
C LEU B 359 -14.71 -3.24 2.74
N GLU B 360 -14.89 -3.00 4.04
CA GLU B 360 -14.63 -4.00 5.07
C GLU B 360 -15.27 -5.36 4.76
N LEU B 361 -16.56 -5.35 4.44
CA LEU B 361 -17.26 -6.59 4.12
C LEU B 361 -16.67 -7.26 2.88
N GLN B 362 -16.15 -6.45 1.96
CA GLN B 362 -15.56 -6.96 0.73
C GLN B 362 -14.26 -7.72 1.01
N LEU B 363 -13.48 -7.20 1.95
CA LEU B 363 -12.23 -7.85 2.30
C LEU B 363 -12.48 -9.15 3.03
N LYS B 364 -13.51 -9.20 3.87
CA LYS B 364 -13.81 -10.42 4.58
C LYS B 364 -14.25 -11.50 3.59
N LEU B 365 -15.21 -11.15 2.75
CA LEU B 365 -15.72 -12.09 1.75
C LEU B 365 -14.62 -12.53 0.79
N ASN B 366 -14.01 -11.56 0.11
CA ASN B 366 -12.97 -11.85 -0.87
C ASN B 366 -11.74 -12.54 -0.28
N HIS B 367 -11.14 -11.94 0.74
CA HIS B 367 -9.96 -12.50 1.38
C HIS B 367 -10.31 -13.06 2.75
N PRO B 368 -10.98 -14.22 2.78
CA PRO B 368 -11.38 -14.84 4.04
C PRO B 368 -10.27 -14.90 5.09
N GLU B 369 -9.09 -15.37 4.71
CA GLU B 369 -7.99 -15.49 5.65
C GLU B 369 -6.86 -14.51 5.43
N SER B 370 -6.94 -13.38 6.12
CA SER B 370 -5.96 -12.30 6.07
C SER B 370 -6.21 -11.38 7.28
N SER B 371 -5.52 -11.69 8.37
CA SER B 371 -5.63 -10.94 9.62
C SER B 371 -5.58 -9.43 9.45
N GLN B 372 -6.39 -8.73 10.24
CA GLN B 372 -6.46 -7.27 10.23
C GLN B 372 -6.25 -6.54 8.88
N LEU B 373 -6.57 -7.17 7.75
CA LEU B 373 -6.38 -6.51 6.45
C LEU B 373 -7.10 -5.17 6.34
N PHE B 374 -8.37 -5.12 6.74
CA PHE B 374 -9.10 -3.86 6.69
C PHE B 374 -8.26 -2.82 7.43
N ALA B 375 -7.85 -3.12 8.65
CA ALA B 375 -7.02 -2.19 9.41
C ALA B 375 -5.65 -1.97 8.76
N LYS B 376 -5.14 -2.99 8.09
CA LYS B 376 -3.84 -2.95 7.40
C LYS B 376 -3.85 -2.08 6.15
N LEU B 377 -4.95 -2.19 5.40
CA LEU B 377 -5.12 -1.43 4.19
C LEU B 377 -5.40 0.04 4.51
N LEU B 378 -6.07 0.30 5.63
CA LEU B 378 -6.32 1.69 6.00
C LEU B 378 -4.98 2.30 6.38
N GLN B 379 -4.12 1.54 7.05
CA GLN B 379 -2.81 2.06 7.41
C GLN B 379 -2.07 2.59 6.17
N LYS B 380 -2.37 2.02 5.01
CA LYS B 380 -1.75 2.43 3.77
C LYS B 380 -2.14 3.86 3.41
N MET B 381 -3.35 4.27 3.79
CA MET B 381 -3.81 5.63 3.51
C MET B 381 -2.82 6.62 4.11
N THR B 382 -2.12 6.20 5.16
CA THR B 382 -1.16 7.08 5.79
C THR B 382 0.15 7.15 5.02
N ASP B 383 0.53 6.05 4.38
CA ASP B 383 1.78 6.03 3.62
C ASP B 383 1.58 6.89 2.38
N LEU B 384 0.37 6.83 1.84
CA LEU B 384 0.00 7.62 0.67
C LEU B 384 0.19 9.11 0.96
N ARG B 385 -0.35 9.61 2.07
CA ARG B 385 -0.18 11.02 2.39
C ARG B 385 1.30 11.39 2.39
N GLN B 386 2.13 10.56 3.03
CA GLN B 386 3.54 10.88 3.05
C GLN B 386 4.11 10.96 1.64
N ILE B 387 3.87 9.93 0.84
CA ILE B 387 4.36 9.92 -0.53
C ILE B 387 4.05 11.23 -1.24
N VAL B 388 2.82 11.71 -1.12
CA VAL B 388 2.41 12.95 -1.79
C VAL B 388 3.13 14.18 -1.25
N THR B 389 3.12 14.36 0.06
CA THR B 389 3.81 15.52 0.61
C THR B 389 5.28 15.45 0.21
N GLU B 390 5.86 14.24 0.26
CA GLU B 390 7.25 14.03 -0.12
C GLU B 390 7.46 14.37 -1.58
N HIS B 391 6.56 13.84 -2.42
CA HIS B 391 6.61 14.08 -3.86
C HIS B 391 6.51 15.56 -4.19
N VAL B 392 5.82 16.31 -3.34
CA VAL B 392 5.66 17.75 -3.57
C VAL B 392 6.90 18.53 -3.17
N GLN B 393 7.52 18.16 -2.07
CA GLN B 393 8.72 18.87 -1.61
C GLN B 393 9.79 18.74 -2.67
N LEU B 394 9.62 17.72 -3.50
CA LEU B 394 10.54 17.43 -4.59
C LEU B 394 10.24 18.35 -5.76
N LEU B 395 9.02 18.29 -6.25
CA LEU B 395 8.58 19.10 -7.37
C LEU B 395 8.76 20.59 -7.03
N GLN B 396 9.14 20.86 -5.79
CA GLN B 396 9.38 22.22 -5.32
C GLN B 396 10.86 22.46 -5.63
N VAL B 397 11.69 21.48 -5.31
CA VAL B 397 13.12 21.53 -5.57
C VAL B 397 13.29 21.85 -7.06
N ILE B 398 12.69 21.02 -7.90
CA ILE B 398 12.74 21.20 -9.33
C ILE B 398 12.45 22.64 -9.69
N LYS B 399 11.30 23.12 -9.23
CA LYS B 399 10.86 24.49 -9.48
C LYS B 399 11.96 25.52 -9.22
N LYS B 400 12.78 25.28 -8.20
CA LYS B 400 13.85 26.21 -7.86
C LYS B 400 15.20 25.98 -8.54
N THR B 401 15.53 24.73 -8.85
CA THR B 401 16.82 24.45 -9.48
C THR B 401 16.77 24.12 -10.97
N GLU B 402 15.59 23.79 -11.48
CA GLU B 402 15.46 23.46 -12.89
C GLU B 402 14.97 24.68 -13.69
N THR B 403 14.82 24.51 -15.00
CA THR B 403 14.37 25.60 -15.86
C THR B 403 13.46 25.12 -16.99
N ASP B 404 12.98 23.89 -16.89
CA ASP B 404 12.13 23.32 -17.92
C ASP B 404 10.83 22.76 -17.37
N MET B 405 10.71 22.73 -16.04
CA MET B 405 9.53 22.21 -15.38
C MET B 405 8.30 22.24 -16.29
N SER B 406 7.85 23.44 -16.64
CA SER B 406 6.69 23.64 -17.51
C SER B 406 5.61 22.59 -17.35
N LEU B 407 4.98 22.52 -16.18
CA LEU B 407 3.93 21.54 -15.94
C LEU B 407 2.67 21.78 -16.75
N HIS B 408 2.00 20.70 -17.14
CA HIS B 408 0.76 20.82 -17.88
C HIS B 408 -0.10 21.76 -17.04
N PRO B 409 -1.06 22.47 -17.67
CA PRO B 409 -1.92 23.38 -16.91
C PRO B 409 -2.90 22.76 -15.93
N LEU B 410 -3.12 21.45 -16.02
CA LEU B 410 -4.03 20.77 -15.11
C LEU B 410 -3.27 20.25 -13.90
N LEU B 411 -2.10 19.65 -14.15
CA LEU B 411 -1.27 19.16 -13.06
C LEU B 411 -0.92 20.45 -12.30
N GLN B 412 -0.90 21.54 -13.05
CA GLN B 412 -0.62 22.87 -12.53
C GLN B 412 -1.64 23.21 -11.46
N GLU B 413 -2.92 23.12 -11.82
CA GLU B 413 -4.04 23.44 -10.93
C GLU B 413 -4.02 22.63 -9.65
N ILE B 414 -3.96 21.31 -9.80
CA ILE B 414 -3.94 20.40 -8.68
C ILE B 414 -2.82 20.68 -7.67
N TYR B 415 -1.59 20.75 -8.16
CA TYR B 415 -0.40 21.02 -7.32
C TYR B 415 -0.38 22.37 -6.62
N LYS B 416 -1.16 23.33 -7.12
CA LYS B 416 -1.18 24.66 -6.52
C LYS B 416 -1.85 24.70 -5.16
N ASP B 417 -1.07 25.10 -4.16
CA ASP B 417 -1.54 25.21 -2.79
C ASP B 417 -1.85 23.86 -2.16
N LEU B 418 -1.27 22.78 -2.68
CA LEU B 418 -1.54 21.45 -2.15
C LEU B 418 -1.05 21.28 -0.70
N TYR B 419 0.25 21.05 -0.52
CA TYR B 419 0.82 20.88 0.81
C TYR B 419 1.96 21.85 1.05
N LYS E 4 23.27 8.62 21.94
CA LYS E 4 23.85 9.15 23.22
C LYS E 4 22.74 9.35 24.26
N ILE E 5 21.95 10.42 24.12
CA ILE E 5 20.86 10.73 25.04
C ILE E 5 19.75 9.69 25.08
N LEU E 6 19.02 9.56 23.97
CA LEU E 6 17.93 8.60 23.87
C LEU E 6 18.42 7.20 24.26
N HIS E 7 19.66 6.89 23.90
CA HIS E 7 20.26 5.59 24.20
C HIS E 7 20.54 5.51 25.70
N ARG E 8 20.64 6.68 26.34
CA ARG E 8 20.88 6.73 27.78
C ARG E 8 19.59 6.43 28.53
N LEU E 9 18.53 7.16 28.21
CA LEU E 9 17.23 6.95 28.86
C LEU E 9 16.72 5.53 28.61
N LEU E 10 17.35 4.85 27.65
CA LEU E 10 16.94 3.48 27.29
C LEU E 10 17.92 2.45 27.87
N GLN E 11 19.18 2.84 27.99
CA GLN E 11 20.23 1.96 28.50
C GLN E 11 19.98 1.50 29.94
N ASP E 12 19.16 2.24 30.67
CA ASP E 12 18.86 1.89 32.06
C ASP E 12 17.43 1.41 32.25
N LYS F 4 -9.54 25.59 -10.71
CA LYS F 4 -10.87 25.81 -11.34
C LYS F 4 -10.85 25.43 -12.83
N ILE F 5 -10.40 24.22 -13.10
CA ILE F 5 -10.34 23.67 -14.45
C ILE F 5 -10.84 22.26 -14.23
N LEU F 6 -11.04 21.96 -12.95
CA LEU F 6 -11.56 20.69 -12.48
C LEU F 6 -13.05 20.92 -12.47
N HIS F 7 -13.45 22.15 -12.14
CA HIS F 7 -14.87 22.49 -12.12
C HIS F 7 -15.35 22.05 -13.48
N ARG F 8 -14.48 22.21 -14.47
CA ARG F 8 -14.77 21.85 -15.85
C ARG F 8 -15.16 20.38 -15.95
N LEU F 9 -14.17 19.49 -15.82
CA LEU F 9 -14.41 18.06 -15.92
C LEU F 9 -15.52 17.55 -15.01
N LEU F 10 -15.71 18.20 -13.86
CA LEU F 10 -16.78 17.78 -12.96
C LEU F 10 -18.12 18.19 -13.52
N GLN F 11 -18.15 19.33 -14.22
CA GLN F 11 -19.39 19.85 -14.82
C GLN F 11 -19.53 19.54 -16.30
N ASP F 12 -19.31 18.28 -16.69
CA ASP F 12 -19.44 17.89 -18.09
C ASP F 12 -19.76 16.41 -18.23
N SER F 13 -21.01 16.12 -18.57
CA SER F 13 -21.46 14.73 -18.75
C SER F 13 -20.45 13.90 -19.54
#